data_6CVZ
#
_entry.id   6CVZ
#
_cell.length_a   91.991
_cell.length_b   91.991
_cell.length_c   110.738
_cell.angle_alpha   90.000
_cell.angle_beta   90.000
_cell.angle_gamma   120.000
#
_symmetry.space_group_name_H-M   'P 32'
#
loop_
_entity.id
_entity.type
_entity.pdbx_description
1 polymer 'E3 ubiquitin-protein ligase RFWD3'
2 non-polymer 'MAGNESIUM ION'
3 water water
#
_entity_poly.entity_id   1
_entity_poly.type   'polypeptide(L)'
_entity_poly.pdbx_seq_one_letter_code
;GSPSSQGQHKHKYHFQKTFTVSQAGNCRIMAYCDALSCLVISQPSPQASFLPGFGVKMLSTANMKSSQYIPMHGKQIRGL
AFSSYLRGLLLSASLDNTIKLTSLETNTVVQTYNAGRPVWSCCWCLDEANYIYAGLANGSILVYDVRNTSSHVQELVAQK
ARCPLVSLSYMPRAASAAFPYGGVLAGTLEDASFWEQKMDFSHWPHVLPLEPGGCIDFQTENSSRHCLVTYRPDKNHTTI
RSVLMEMSYRLDDTGNPICSCQPVHTFFGGPTCKLLTKNAIFQSPENDGNILVCTGDEAANSALLWDAASGSLLQDLQTD
QPVLDICPFEVNRNSYLATLTEKMVHIYKWE
;
_entity_poly.pdbx_strand_id   A,B,C
#
loop_
_chem_comp.id
_chem_comp.type
_chem_comp.name
_chem_comp.formula
MG non-polymer 'MAGNESIUM ION' 'Mg 2'
#
# COMPACT_ATOMS: atom_id res chain seq x y z
N LYS A 10 22.82 12.89 -14.66
CA LYS A 10 21.41 12.56 -15.04
C LYS A 10 21.36 11.64 -16.26
N HIS A 11 20.43 10.69 -16.27
CA HIS A 11 20.21 9.86 -17.44
C HIS A 11 19.39 10.66 -18.46
N LYS A 12 19.45 10.25 -19.71
CA LYS A 12 18.62 10.85 -20.77
C LYS A 12 18.67 9.95 -22.00
N TYR A 13 17.93 10.32 -23.04
CA TYR A 13 17.93 9.57 -24.30
C TYR A 13 19.10 9.96 -25.19
N HIS A 14 19.89 8.98 -25.64
CA HIS A 14 20.96 9.19 -26.63
C HIS A 14 20.67 8.40 -27.90
N PHE A 15 20.93 9.02 -29.04
CA PHE A 15 20.74 8.38 -30.34
C PHE A 15 21.51 7.05 -30.45
N GLN A 16 20.83 6.01 -30.94
CA GLN A 16 21.45 4.69 -31.14
C GLN A 16 21.65 4.37 -32.63
N LYS A 17 20.56 4.38 -33.39
CA LYS A 17 20.58 3.91 -34.77
CA LYS A 17 20.59 3.95 -34.78
C LYS A 17 19.36 4.47 -35.53
N THR A 18 19.49 4.59 -36.85
CA THR A 18 18.42 5.00 -37.75
C THR A 18 18.13 3.83 -38.70
N PHE A 19 16.85 3.54 -38.94
CA PHE A 19 16.44 2.50 -39.88
C PHE A 19 15.60 3.11 -40.98
N THR A 20 15.89 2.76 -42.24
CA THR A 20 15.00 3.15 -43.33
C THR A 20 13.79 2.22 -43.30
N VAL A 21 12.60 2.84 -43.28
CA VAL A 21 11.35 2.11 -43.27
C VAL A 21 10.81 2.01 -44.71
N SER A 22 10.72 3.17 -45.36
CA SER A 22 10.07 3.29 -46.67
C SER A 22 10.80 4.28 -47.57
N GLN A 23 11.46 3.75 -48.59
CA GLN A 23 12.10 4.57 -49.61
C GLN A 23 11.06 5.45 -50.29
N ALA A 24 9.84 4.93 -50.46
CA ALA A 24 8.77 5.71 -51.08
C ALA A 24 8.16 6.74 -50.12
N GLY A 25 8.71 6.82 -48.89
CA GLY A 25 8.18 7.69 -47.87
C GLY A 25 6.78 7.28 -47.44
N ASN A 26 5.99 8.27 -47.06
CA ASN A 26 4.59 8.11 -46.71
C ASN A 26 4.32 7.28 -45.45
N CYS A 27 5.31 7.17 -44.58
CA CYS A 27 5.13 6.60 -43.25
C CYS A 27 4.35 7.61 -42.43
N ARG A 28 3.60 7.15 -41.43
CA ARG A 28 2.73 8.06 -40.69
C ARG A 28 2.71 7.80 -39.21
N ILE A 29 2.44 6.56 -38.81
CA ILE A 29 2.29 6.26 -37.39
C ILE A 29 2.90 4.94 -36.97
N MET A 30 3.13 4.83 -35.67
CA MET A 30 3.80 3.70 -35.05
C MET A 30 3.01 3.22 -33.87
N ALA A 31 3.13 1.94 -33.54
CA ALA A 31 2.63 1.39 -32.30
C ALA A 31 3.57 0.32 -31.80
N TYR A 32 3.60 0.11 -30.48
CA TYR A 32 4.45 -0.93 -29.89
C TYR A 32 3.66 -2.00 -29.14
N CYS A 33 3.98 -3.27 -29.41
CA CYS A 33 3.43 -4.41 -28.67
C CYS A 33 4.48 -4.89 -27.67
N ASP A 34 4.24 -4.57 -26.40
CA ASP A 34 5.14 -4.94 -25.31
C ASP A 34 5.31 -6.47 -25.21
N ALA A 35 4.21 -7.20 -25.32
CA ALA A 35 4.25 -8.65 -25.12
C ALA A 35 5.10 -9.38 -26.17
N LEU A 36 5.09 -8.88 -27.40
CA LEU A 36 5.85 -9.52 -28.46
C LEU A 36 7.14 -8.74 -28.83
N SER A 37 7.46 -7.68 -28.10
CA SER A 37 8.62 -6.83 -28.41
C SER A 37 8.69 -6.43 -29.87
N CYS A 38 7.64 -5.76 -30.34
CA CYS A 38 7.48 -5.49 -31.76
C CYS A 38 7.01 -4.06 -31.95
N LEU A 39 7.79 -3.26 -32.65
CA LEU A 39 7.37 -1.96 -33.12
C LEU A 39 6.87 -2.08 -34.54
N VAL A 40 5.65 -1.57 -34.80
CA VAL A 40 5.07 -1.56 -36.15
C VAL A 40 4.95 -0.13 -36.65
N ILE A 41 5.22 0.05 -37.95
N ILE A 41 5.19 0.05 -37.95
CA ILE A 41 5.26 1.37 -38.58
CA ILE A 41 5.22 1.37 -38.56
C ILE A 41 4.42 1.34 -39.85
C ILE A 41 4.43 1.35 -39.85
N SER A 42 3.47 2.27 -40.00
CA SER A 42 2.67 2.31 -41.21
C SER A 42 3.54 2.80 -42.37
N GLN A 43 3.34 2.17 -43.53
CA GLN A 43 4.02 2.54 -44.76
C GLN A 43 3.21 2.10 -45.98
N PRO A 44 3.45 2.74 -47.13
CA PRO A 44 2.96 2.14 -48.38
C PRO A 44 3.69 0.83 -48.64
N SER A 45 3.09 -0.03 -49.44
CA SER A 45 3.71 -1.34 -49.73
C SER A 45 5.11 -1.16 -50.36
N PRO A 46 6.05 -2.10 -50.05
CA PRO A 46 7.34 -2.11 -50.76
C PRO A 46 7.07 -2.21 -52.24
N GLN A 47 7.53 -1.20 -52.98
CA GLN A 47 7.06 -0.99 -54.33
C GLN A 47 7.69 -1.97 -55.32
N ALA A 48 6.84 -2.47 -56.23
CA ALA A 48 7.23 -3.44 -57.25
C ALA A 48 7.60 -4.81 -56.67
N SER A 49 7.19 -5.05 -55.42
CA SER A 49 7.45 -6.30 -54.72
C SER A 49 6.12 -6.87 -54.21
N PHE A 50 5.39 -6.05 -53.46
CA PHE A 50 4.02 -6.36 -53.06
C PHE A 50 3.06 -5.55 -53.91
N LEU A 51 1.81 -6.00 -53.91
CA LEU A 51 0.72 -5.25 -54.53
C LEU A 51 0.57 -3.87 -53.89
N PRO A 52 0.10 -2.87 -54.65
CA PRO A 52 -0.01 -1.52 -54.12
C PRO A 52 -1.02 -1.47 -52.98
N GLY A 53 -0.74 -0.63 -52.00
CA GLY A 53 -1.56 -0.54 -50.80
C GLY A 53 -0.75 0.00 -49.66
N PHE A 54 -1.29 -0.17 -48.46
CA PHE A 54 -0.69 0.29 -47.23
C PHE A 54 -0.70 -0.84 -46.18
N GLY A 55 0.27 -0.78 -45.29
CA GLY A 55 0.43 -1.83 -44.31
C GLY A 55 1.41 -1.42 -43.25
N VAL A 56 1.94 -2.39 -42.53
CA VAL A 56 2.94 -2.09 -41.53
C VAL A 56 4.19 -2.92 -41.71
N LYS A 57 5.32 -2.27 -41.47
CA LYS A 57 6.59 -2.93 -41.24
C LYS A 57 6.70 -3.26 -39.75
N MET A 58 6.90 -4.52 -39.45
CA MET A 58 7.20 -4.97 -38.10
C MET A 58 8.70 -4.93 -37.88
N LEU A 59 9.11 -4.33 -36.78
CA LEU A 59 10.49 -4.29 -36.38
C LEU A 59 10.61 -5.01 -35.03
N SER A 60 11.42 -6.05 -34.98
CA SER A 60 11.66 -6.78 -33.74
C SER A 60 12.61 -5.99 -32.85
N THR A 61 12.14 -5.57 -31.68
CA THR A 61 12.99 -4.79 -30.78
C THR A 61 13.90 -5.67 -29.93
N ALA A 62 13.63 -6.96 -29.85
CA ALA A 62 14.55 -7.89 -29.17
C ALA A 62 15.86 -7.97 -29.94
N ASN A 63 15.75 -8.21 -31.25
CA ASN A 63 16.92 -8.31 -32.15
C ASN A 63 17.35 -6.95 -32.72
N MET A 64 16.45 -5.96 -32.69
CA MET A 64 16.60 -4.71 -33.46
C MET A 64 16.90 -5.01 -34.92
N LYS A 65 16.19 -5.97 -35.49
CA LYS A 65 16.40 -6.39 -36.87
C LYS A 65 15.94 -5.31 -37.85
N SER A 67 12.12 -6.70 -39.67
CA SER A 67 11.37 -7.95 -39.85
C SER A 67 10.71 -8.06 -41.22
N GLN A 68 9.43 -7.70 -41.33
CA GLN A 68 8.67 -7.90 -42.57
C GLN A 68 7.46 -6.94 -42.71
N TYR A 69 6.89 -6.93 -43.90
CA TYR A 69 5.73 -6.11 -44.25
C TYR A 69 4.46 -6.95 -44.27
N ILE A 70 3.40 -6.40 -43.70
CA ILE A 70 2.09 -7.03 -43.69
C ILE A 70 1.14 -6.11 -44.48
N PRO A 71 0.64 -6.55 -45.65
CA PRO A 71 -0.36 -5.78 -46.40
C PRO A 71 -1.66 -5.71 -45.63
N MET A 72 -2.28 -4.54 -45.54
CA MET A 72 -3.51 -4.38 -44.76
C MET A 72 -4.65 -3.63 -45.47
N HIS A 73 -4.35 -2.48 -46.07
CA HIS A 73 -5.37 -1.54 -46.53
C HIS A 73 -5.11 -1.02 -47.94
N GLY A 74 -6.16 -0.42 -48.50
CA GLY A 74 -6.15 0.13 -49.86
C GLY A 74 -5.84 1.61 -49.92
N LYS A 75 -5.91 2.29 -48.77
CA LYS A 75 -5.61 3.72 -48.66
C LYS A 75 -4.88 4.00 -47.33
N GLN A 76 -4.47 5.24 -47.11
CA GLN A 76 -3.55 5.57 -46.00
C GLN A 76 -4.10 5.08 -44.64
N ILE A 77 -3.19 4.71 -43.75
CA ILE A 77 -3.54 4.25 -42.41
C ILE A 77 -3.57 5.46 -41.51
N ARG A 78 -4.66 5.65 -40.78
N ARG A 78 -4.66 5.60 -40.77
CA ARG A 78 -4.82 6.81 -39.87
CA ARG A 78 -4.89 6.74 -39.91
C ARG A 78 -4.82 6.47 -38.38
C ARG A 78 -4.63 6.47 -38.43
N GLY A 79 -4.72 5.19 -38.03
CA GLY A 79 -4.59 4.79 -36.61
C GLY A 79 -4.02 3.41 -36.50
N LEU A 80 -3.28 3.17 -35.42
CA LEU A 80 -2.69 1.87 -35.11
C LEU A 80 -2.66 1.77 -33.59
N ALA A 81 -3.09 0.64 -33.06
CA ALA A 81 -3.09 0.45 -31.61
C ALA A 81 -3.15 -1.03 -31.26
N PHE A 82 -2.39 -1.41 -30.24
CA PHE A 82 -2.44 -2.77 -29.73
C PHE A 82 -3.30 -2.78 -28.47
N SER A 83 -4.04 -3.85 -28.23
N SER A 83 -3.92 -3.94 -28.25
CA SER A 83 -4.66 -3.91 -26.92
CA SER A 83 -4.77 -4.23 -27.10
C SER A 83 -3.84 -4.75 -25.99
C SER A 83 -3.96 -4.92 -25.98
N SER A 84 -4.03 -4.42 -24.73
CA SER A 84 -3.44 -5.16 -23.64
C SER A 84 -4.16 -6.50 -23.41
N TYR A 85 -5.42 -6.61 -23.84
CA TYR A 85 -6.18 -7.81 -23.57
C TYR A 85 -6.02 -8.93 -24.60
N LEU A 86 -5.69 -8.60 -25.85
CA LEU A 86 -5.62 -9.58 -26.91
C LEU A 86 -4.20 -9.47 -27.46
N ARG A 87 -3.34 -10.38 -27.01
CA ARG A 87 -1.91 -10.31 -27.28
C ARG A 87 -1.60 -10.24 -28.77
N GLY A 88 -0.92 -9.16 -29.16
CA GLY A 88 -0.43 -8.97 -30.51
C GLY A 88 -1.47 -8.59 -31.54
N LEU A 89 -2.67 -8.21 -31.09
CA LEU A 89 -3.78 -7.96 -32.02
C LEU A 89 -3.82 -6.48 -32.35
N LEU A 90 -3.35 -6.16 -33.57
CA LEU A 90 -3.21 -4.78 -34.02
C LEU A 90 -4.50 -4.25 -34.63
N LEU A 91 -4.98 -3.15 -34.08
CA LEU A 91 -6.14 -2.42 -34.56
C LEU A 91 -5.63 -1.34 -35.49
N SER A 92 -6.24 -1.25 -36.67
CA SER A 92 -5.90 -0.24 -37.65
C SER A 92 -7.16 0.41 -38.19
N ALA A 93 -7.02 1.67 -38.59
CA ALA A 93 -8.09 2.46 -39.22
C ALA A 93 -7.55 2.99 -40.53
N SER A 94 -8.40 3.08 -41.55
CA SER A 94 -7.93 3.57 -42.83
C SER A 94 -8.97 4.42 -43.54
N LEU A 95 -8.47 5.35 -44.32
CA LEU A 95 -9.28 6.09 -45.27
C LEU A 95 -9.94 5.21 -46.33
N ASP A 96 -9.63 3.90 -46.37
CA ASP A 96 -10.30 2.95 -47.26
C ASP A 96 -11.69 2.47 -46.75
N ASN A 97 -12.15 3.08 -45.64
CA ASN A 97 -13.46 2.87 -45.01
C ASN A 97 -13.48 1.72 -44.02
N THR A 98 -12.32 1.18 -43.67
CA THR A 98 -12.29 0.00 -42.80
C THR A 98 -11.50 0.16 -41.48
N ILE A 99 -11.98 -0.62 -40.53
CA ILE A 99 -11.26 -1.00 -39.31
C ILE A 99 -10.83 -2.45 -39.51
N LYS A 100 -9.56 -2.74 -39.22
CA LYS A 100 -9.03 -4.10 -39.30
C LYS A 100 -8.29 -4.49 -38.03
N LEU A 101 -8.28 -5.79 -37.77
CA LEU A 101 -7.55 -6.44 -36.70
C LEU A 101 -6.59 -7.38 -37.41
N THR A 102 -5.31 -7.22 -37.10
CA THR A 102 -4.25 -7.96 -37.73
C THR A 102 -3.44 -8.57 -36.59
N SER A 103 -3.16 -9.87 -36.67
CA SER A 103 -2.44 -10.55 -35.60
C SER A 103 -0.95 -10.61 -35.88
N LEU A 104 -0.15 -10.12 -34.93
CA LEU A 104 1.29 -10.27 -35.04
C LEU A 104 1.72 -11.70 -34.79
N GLU A 105 0.86 -12.48 -34.16
CA GLU A 105 1.16 -13.90 -33.96
C GLU A 105 1.08 -14.64 -35.30
N THR A 106 0.02 -14.35 -36.05
CA THR A 106 -0.23 -15.00 -37.32
C THR A 106 0.33 -14.27 -38.54
N ASN A 107 0.67 -12.98 -38.40
CA ASN A 107 1.01 -12.08 -39.52
C ASN A 107 -0.06 -12.01 -40.61
N THR A 108 -1.31 -12.00 -40.19
CA THR A 108 -2.43 -11.91 -41.13
C THR A 108 -3.55 -11.06 -40.57
N VAL A 109 -4.33 -10.50 -41.47
CA VAL A 109 -5.52 -9.75 -41.12
C VAL A 109 -6.61 -10.76 -40.76
N VAL A 110 -7.14 -10.66 -39.54
CA VAL A 110 -8.10 -11.64 -39.08
C VAL A 110 -9.53 -11.13 -39.01
N GLN A 111 -9.76 -9.82 -39.09
N GLN A 111 -9.73 -9.81 -39.06
CA GLN A 111 -11.11 -9.29 -39.05
CA GLN A 111 -11.08 -9.22 -39.00
C GLN A 111 -11.15 -7.91 -39.68
C GLN A 111 -11.10 -7.92 -39.76
N THR A 112 -12.19 -7.67 -40.47
CA THR A 112 -12.41 -6.40 -41.12
C THR A 112 -13.84 -5.95 -40.86
N TYR A 113 -13.98 -4.68 -40.51
CA TYR A 113 -15.30 -4.03 -40.40
C TYR A 113 -15.36 -2.93 -41.46
N ASN A 114 -16.43 -2.90 -42.24
CA ASN A 114 -16.57 -1.84 -43.26
C ASN A 114 -17.44 -0.75 -42.64
N ALA A 115 -16.81 0.38 -42.35
CA ALA A 115 -17.44 1.43 -41.58
C ALA A 115 -18.36 2.28 -42.44
N GLY A 116 -18.18 2.16 -43.76
CA GLY A 116 -19.06 2.83 -44.75
C GLY A 116 -18.62 4.22 -45.13
N ARG A 117 -17.54 4.70 -44.51
CA ARG A 117 -17.05 6.07 -44.64
C ARG A 117 -15.57 6.01 -44.23
N PRO A 118 -14.72 6.93 -44.72
CA PRO A 118 -13.32 6.94 -44.30
C PRO A 118 -13.16 7.00 -42.79
N VAL A 119 -12.19 6.26 -42.26
CA VAL A 119 -11.93 6.18 -40.82
C VAL A 119 -10.64 6.95 -40.51
N TRP A 120 -10.77 7.99 -39.70
CA TRP A 120 -9.71 8.93 -39.41
C TRP A 120 -8.97 8.67 -38.08
N SER A 121 -9.48 7.77 -37.25
CA SER A 121 -8.85 7.46 -35.96
C SER A 121 -9.42 6.17 -35.40
N CYS A 122 -8.68 5.56 -34.47
CA CYS A 122 -9.19 4.41 -33.74
C CYS A 122 -8.45 4.24 -32.42
N CYS A 123 -9.07 3.53 -31.49
CA CYS A 123 -8.38 3.12 -30.29
C CYS A 123 -9.15 2.00 -29.64
N TRP A 124 -8.51 1.36 -28.67
CA TRP A 124 -9.12 0.33 -27.87
C TRP A 124 -9.69 0.87 -26.54
N CYS A 125 -10.72 0.19 -26.05
CA CYS A 125 -11.17 0.36 -24.68
C CYS A 125 -10.13 -0.22 -23.72
N LEU A 126 -9.84 0.52 -22.66
CA LEU A 126 -8.93 0.08 -21.60
C LEU A 126 -9.67 -0.32 -20.35
N ASP A 127 -11.00 -0.16 -20.35
CA ASP A 127 -11.82 -0.65 -19.25
C ASP A 127 -12.20 -2.12 -19.53
N GLU A 128 -13.23 -2.66 -18.88
CA GLU A 128 -13.45 -4.11 -18.94
C GLU A 128 -14.34 -4.54 -20.10
N ALA A 129 -13.82 -4.31 -21.30
CA ALA A 129 -14.47 -4.74 -22.52
C ALA A 129 -13.46 -4.80 -23.64
N ASN A 130 -13.69 -5.69 -24.60
CA ASN A 130 -12.93 -5.72 -25.86
C ASN A 130 -13.69 -4.88 -26.90
N TYR A 131 -13.72 -3.57 -26.69
CA TYR A 131 -14.38 -2.61 -27.56
C TYR A 131 -13.35 -1.84 -28.37
N ILE A 132 -13.73 -1.54 -29.59
CA ILE A 132 -12.97 -0.72 -30.50
C ILE A 132 -13.75 0.56 -30.75
N TYR A 133 -13.04 1.67 -30.76
CA TYR A 133 -13.63 2.96 -31.16
C TYR A 133 -13.07 3.35 -32.51
N ALA A 134 -13.96 3.69 -33.45
CA ALA A 134 -13.59 4.11 -34.80
C ALA A 134 -14.18 5.50 -35.11
N GLY A 135 -13.30 6.46 -35.40
CA GLY A 135 -13.69 7.84 -35.63
C GLY A 135 -13.83 8.03 -37.13
N LEU A 136 -15.01 8.48 -37.56
CA LEU A 136 -15.34 8.60 -39.00
C LEU A 136 -15.28 10.02 -39.56
N ALA A 137 -15.31 10.10 -40.89
CA ALA A 137 -15.29 11.38 -41.61
C ALA A 137 -16.43 12.32 -41.25
N ASN A 138 -17.55 11.78 -40.80
CA ASN A 138 -18.73 12.60 -40.44
C ASN A 138 -18.79 13.01 -38.97
N GLY A 139 -17.75 12.66 -38.19
CA GLY A 139 -17.73 13.05 -36.77
C GLY A 139 -18.33 12.05 -35.81
N SER A 140 -18.85 10.94 -36.32
CA SER A 140 -19.37 9.90 -35.48
C SER A 140 -18.22 9.01 -34.99
N ILE A 141 -18.43 8.42 -33.82
CA ILE A 141 -17.59 7.29 -33.34
C ILE A 141 -18.43 6.03 -33.40
N LEU A 142 -17.96 5.00 -34.09
CA LEU A 142 -18.57 3.69 -34.01
C LEU A 142 -17.85 2.89 -32.97
N VAL A 143 -18.60 2.23 -32.13
CA VAL A 143 -18.09 1.31 -31.13
C VAL A 143 -18.34 -0.11 -31.66
N TYR A 144 -17.26 -0.87 -31.84
CA TYR A 144 -17.36 -2.26 -32.21
C TYR A 144 -17.02 -3.13 -31.00
N ASP A 145 -17.73 -4.24 -30.88
CA ASP A 145 -17.45 -5.26 -29.87
C ASP A 145 -16.84 -6.44 -30.64
N VAL A 146 -15.69 -6.93 -30.20
CA VAL A 146 -15.02 -7.99 -30.91
C VAL A 146 -15.90 -9.24 -30.97
N ARG A 147 -16.84 -9.37 -30.03
CA ARG A 147 -17.80 -10.50 -30.01
C ARG A 147 -18.80 -10.47 -31.15
N ASN A 148 -18.94 -9.31 -31.80
CA ASN A 148 -19.82 -9.14 -32.94
C ASN A 148 -18.96 -8.75 -34.14
N THR A 149 -18.81 -9.66 -35.09
CA THR A 149 -17.96 -9.43 -36.27
C THR A 149 -18.65 -8.81 -37.49
N SER A 150 -19.95 -8.56 -37.42
N SER A 150 -19.96 -8.56 -37.40
CA SER A 150 -20.69 -8.07 -38.57
CA SER A 150 -20.73 -8.07 -38.52
C SER A 150 -20.95 -6.54 -38.53
C SER A 150 -20.89 -6.55 -38.51
N SER A 151 -21.27 -5.99 -37.36
CA SER A 151 -21.60 -4.56 -37.24
C SER A 151 -21.24 -3.92 -35.90
N HIS A 152 -21.29 -2.58 -35.88
CA HIS A 152 -21.07 -1.81 -34.65
C HIS A 152 -22.26 -1.97 -33.69
N VAL A 153 -21.99 -1.79 -32.40
CA VAL A 153 -22.99 -1.95 -31.37
C VAL A 153 -23.47 -0.61 -30.78
N GLN A 154 -22.68 0.45 -30.96
CA GLN A 154 -23.07 1.81 -30.60
C GLN A 154 -22.54 2.79 -31.63
N GLU A 155 -23.24 3.91 -31.75
CA GLU A 155 -22.73 5.04 -32.53
C GLU A 155 -22.84 6.27 -31.65
N LEU A 156 -21.71 6.94 -31.46
CA LEU A 156 -21.66 8.15 -30.65
C LEU A 156 -21.64 9.30 -31.65
N VAL A 157 -22.79 9.93 -31.85
N VAL A 157 -22.80 9.92 -31.89
CA VAL A 157 -22.96 10.88 -32.93
CA VAL A 157 -22.91 10.87 -32.98
C VAL A 157 -22.21 12.20 -32.65
C VAL A 157 -22.19 12.18 -32.65
N ALA A 158 -21.79 12.89 -33.70
CA ALA A 158 -21.12 14.19 -33.57
C ALA A 158 -22.01 15.16 -32.81
N GLN A 159 -21.40 15.88 -31.89
CA GLN A 159 -22.15 16.75 -31.00
C GLN A 159 -22.43 18.09 -31.65
N LYS A 160 -21.39 18.70 -32.20
CA LYS A 160 -21.51 19.92 -32.98
C LYS A 160 -21.36 19.58 -34.48
N ALA A 161 -20.31 20.04 -35.13
CA ALA A 161 -20.12 19.86 -36.56
C ALA A 161 -19.91 18.40 -36.99
N ARG A 162 -20.34 18.05 -38.20
CA ARG A 162 -20.04 16.76 -38.80
C ARG A 162 -18.81 16.93 -39.69
N CYS A 163 -17.65 16.56 -39.14
CA CYS A 163 -16.37 16.69 -39.81
C CYS A 163 -15.45 15.66 -39.14
N PRO A 164 -14.33 15.34 -39.79
CA PRO A 164 -13.61 14.13 -39.40
C PRO A 164 -13.22 14.07 -37.92
N LEU A 165 -13.45 12.90 -37.35
CA LEU A 165 -13.03 12.61 -36.01
C LEU A 165 -11.60 12.05 -36.13
N VAL A 166 -10.63 12.90 -35.84
CA VAL A 166 -9.22 12.63 -36.16
C VAL A 166 -8.41 12.11 -34.99
N SER A 167 -8.96 12.12 -33.78
CA SER A 167 -8.22 11.62 -32.62
C SER A 167 -9.12 11.00 -31.59
N LEU A 168 -8.69 9.80 -31.15
CA LEU A 168 -9.31 9.04 -30.09
C LEU A 168 -8.24 8.51 -29.13
N SER A 169 -8.45 8.76 -27.84
CA SER A 169 -7.54 8.34 -26.80
C SER A 169 -8.31 7.93 -25.55
N TYR A 170 -8.08 6.70 -25.09
CA TYR A 170 -8.83 6.16 -23.98
C TYR A 170 -8.19 6.48 -22.63
N MET A 171 -9.01 6.95 -21.71
CA MET A 171 -8.63 7.19 -20.32
C MET A 171 -9.29 6.12 -19.44
N PRO A 172 -8.51 5.23 -18.84
CA PRO A 172 -9.07 4.14 -18.06
C PRO A 172 -9.64 4.65 -16.74
N ARG A 173 -10.61 3.94 -16.17
CA ARG A 173 -11.07 4.21 -14.81
C ARG A 173 -9.91 4.02 -13.85
N ALA A 174 -9.96 4.70 -12.73
CA ALA A 174 -8.95 4.55 -11.70
C ALA A 174 -9.53 4.88 -10.33
N ALA A 175 -8.88 4.38 -9.28
CA ALA A 175 -9.19 4.79 -7.90
C ALA A 175 -8.48 6.12 -7.62
N SER A 176 -9.04 7.19 -8.17
CA SER A 176 -8.49 8.53 -8.01
C SER A 176 -9.63 9.49 -7.70
N ALA A 177 -9.48 10.23 -6.63
CA ALA A 177 -10.50 11.17 -6.20
C ALA A 177 -10.61 12.31 -7.20
N ALA A 178 -9.50 12.65 -7.85
CA ALA A 178 -9.49 13.76 -8.81
C ALA A 178 -10.37 13.44 -10.01
N PHE A 179 -10.20 12.23 -10.54
CA PHE A 179 -10.95 11.84 -11.71
C PHE A 179 -10.97 10.33 -11.90
N PRO A 180 -12.00 9.68 -11.34
CA PRO A 180 -12.02 8.24 -11.30
C PRO A 180 -12.54 7.58 -12.59
N TYR A 181 -13.15 8.38 -13.45
CA TYR A 181 -13.95 7.85 -14.52
C TYR A 181 -13.06 7.43 -15.68
N GLY A 182 -13.61 6.56 -16.48
CA GLY A 182 -12.98 6.12 -17.72
C GLY A 182 -13.86 6.45 -18.88
N GLY A 183 -13.25 6.63 -20.04
CA GLY A 183 -13.96 6.80 -21.27
C GLY A 183 -13.03 7.22 -22.37
N VAL A 184 -13.57 7.63 -23.49
CA VAL A 184 -12.72 8.02 -24.64
C VAL A 184 -12.71 9.52 -24.90
N LEU A 185 -11.51 10.09 -24.95
CA LEU A 185 -11.34 11.48 -25.41
C LEU A 185 -11.44 11.46 -26.93
N ALA A 186 -12.21 12.38 -27.48
CA ALA A 186 -12.49 12.41 -28.92
C ALA A 186 -12.42 13.84 -29.46
N GLY A 187 -11.69 14.00 -30.56
CA GLY A 187 -11.52 15.30 -31.15
C GLY A 187 -11.80 15.25 -32.63
N THR A 188 -12.72 16.12 -33.08
CA THR A 188 -12.91 16.41 -34.50
C THR A 188 -12.15 17.67 -34.83
N LEU A 189 -12.16 18.06 -36.11
CA LEU A 189 -11.48 19.26 -36.54
C LEU A 189 -11.97 20.53 -35.85
N GLU A 190 -13.18 20.52 -35.28
CA GLU A 190 -13.75 21.71 -34.68
C GLU A 190 -14.30 21.55 -33.27
N ASP A 191 -14.11 20.39 -32.63
CA ASP A 191 -14.81 20.03 -31.40
C ASP A 191 -14.03 18.99 -30.57
N ALA A 192 -14.18 19.03 -29.25
CA ALA A 192 -13.58 18.00 -28.37
C ALA A 192 -14.54 17.58 -27.26
N SER A 193 -14.66 16.28 -27.03
CA SER A 193 -15.54 15.74 -26.01
C SER A 193 -14.87 14.59 -25.29
N PHE A 194 -15.25 14.40 -24.02
CA PHE A 194 -14.99 13.17 -23.29
C PHE A 194 -16.25 12.32 -23.25
N TRP A 195 -16.20 11.16 -23.90
CA TRP A 195 -17.28 10.16 -23.84
C TRP A 195 -17.08 9.18 -22.68
N GLU A 196 -17.75 9.49 -21.58
CA GLU A 196 -17.69 8.73 -20.35
C GLU A 196 -18.33 7.37 -20.58
N GLN A 197 -17.63 6.32 -20.20
CA GLN A 197 -18.22 4.97 -20.21
C GLN A 197 -18.93 4.71 -18.90
N LYS A 198 -20.23 4.46 -18.99
CA LYS A 198 -21.06 4.14 -17.84
C LYS A 198 -20.91 2.68 -17.46
N MET A 199 -21.44 2.33 -16.29
CA MET A 199 -21.41 0.95 -15.78
C MET A 199 -22.03 -0.05 -16.74
N ASP A 200 -23.07 0.36 -17.47
CA ASP A 200 -23.74 -0.52 -18.42
C ASP A 200 -23.06 -0.49 -19.79
N PHE A 201 -21.88 0.13 -19.87
CA PHE A 201 -21.06 0.18 -21.10
C PHE A 201 -21.60 1.09 -22.20
N SER A 202 -22.69 1.83 -21.95
CA SER A 202 -23.07 2.93 -22.84
C SER A 202 -22.09 4.09 -22.61
N HIS A 203 -22.13 5.09 -23.47
CA HIS A 203 -21.28 6.28 -23.29
C HIS A 203 -22.10 7.57 -23.31
N TRP A 204 -21.62 8.56 -22.56
CA TRP A 204 -22.28 9.84 -22.45
C TRP A 204 -21.26 10.95 -22.71
N PRO A 205 -21.61 11.92 -23.57
CA PRO A 205 -20.67 12.98 -23.98
C PRO A 205 -20.53 14.14 -22.97
N HIS A 206 -19.31 14.65 -22.84
CA HIS A 206 -19.03 15.81 -22.02
C HIS A 206 -18.19 16.74 -22.87
N VAL A 207 -18.72 17.92 -23.19
CA VAL A 207 -17.98 18.88 -24.01
C VAL A 207 -16.75 19.32 -23.22
N LEU A 208 -15.60 19.39 -23.89
CA LEU A 208 -14.39 19.87 -23.25
C LEU A 208 -14.13 21.33 -23.61
N PRO A 209 -13.51 22.09 -22.69
CA PRO A 209 -13.28 23.51 -22.96
C PRO A 209 -12.07 23.75 -23.88
N LEU A 210 -12.19 23.26 -25.11
CA LEU A 210 -11.19 23.43 -26.16
C LEU A 210 -11.94 23.80 -27.41
N GLU A 211 -11.34 24.65 -28.23
CA GLU A 211 -11.96 25.08 -29.48
C GLU A 211 -11.00 24.77 -30.63
N PRO A 212 -10.99 23.49 -31.11
CA PRO A 212 -10.12 23.18 -32.23
C PRO A 212 -10.49 23.91 -33.51
N GLY A 213 -9.47 24.20 -34.32
CA GLY A 213 -9.63 24.87 -35.60
C GLY A 213 -8.74 24.24 -36.65
N GLY A 214 -8.98 22.95 -36.93
CA GLY A 214 -8.34 22.24 -38.03
C GLY A 214 -7.46 21.04 -37.71
N CYS A 215 -7.07 20.87 -36.45
CA CYS A 215 -6.31 19.69 -36.06
C CYS A 215 -6.33 19.54 -34.56
N ILE A 216 -6.19 18.30 -34.10
CA ILE A 216 -6.22 17.97 -32.68
C ILE A 216 -5.73 16.52 -32.49
N ASP A 217 -4.95 16.30 -31.43
CA ASP A 217 -4.37 14.98 -31.11
C ASP A 217 -4.37 14.85 -29.57
N PHE A 218 -5.06 13.82 -29.08
CA PHE A 218 -5.13 13.49 -27.66
C PHE A 218 -4.14 12.36 -27.37
N GLN A 219 -3.38 12.50 -26.28
CA GLN A 219 -2.52 11.42 -25.81
C GLN A 219 -2.78 11.27 -24.32
N THR A 220 -2.89 10.05 -23.82
CA THR A 220 -3.23 9.90 -22.39
C THR A 220 -2.14 9.27 -21.56
N GLU A 221 -2.02 9.73 -20.32
CA GLU A 221 -1.15 9.15 -19.33
C GLU A 221 -2.03 8.66 -18.15
N ASN A 222 -2.15 7.34 -18.08
CA ASN A 222 -3.08 6.63 -17.18
C ASN A 222 -2.98 6.97 -15.70
N SER A 223 -1.78 6.77 -15.15
CA SER A 223 -1.56 6.93 -13.72
C SER A 223 -1.96 8.31 -13.26
N SER A 224 -1.52 9.32 -14.01
CA SER A 224 -1.59 10.71 -13.57
C SER A 224 -2.92 11.41 -13.90
N ARG A 225 -3.81 10.73 -14.61
CA ARG A 225 -5.12 11.29 -14.95
C ARG A 225 -4.95 12.60 -15.74
N HIS A 226 -3.88 12.66 -16.54
CA HIS A 226 -3.64 13.81 -17.41
C HIS A 226 -3.74 13.33 -18.84
N CYS A 227 -4.10 14.24 -19.72
CA CYS A 227 -3.93 14.03 -21.14
C CYS A 227 -3.10 15.16 -21.71
N LEU A 228 -2.48 14.90 -22.85
CA LEU A 228 -1.80 15.91 -23.63
C LEU A 228 -2.64 16.14 -24.86
N VAL A 229 -3.09 17.38 -25.05
CA VAL A 229 -3.91 17.72 -26.20
C VAL A 229 -3.12 18.71 -27.06
N THR A 230 -2.76 18.27 -28.25
CA THR A 230 -2.03 19.07 -29.23
C THR A 230 -3.00 19.49 -30.30
N TYR A 231 -3.14 20.79 -30.48
CA TYR A 231 -4.14 21.33 -31.40
C TYR A 231 -3.87 22.75 -31.83
N ARG A 232 -4.58 23.16 -32.88
CA ARG A 232 -4.64 24.55 -33.30
C ARG A 232 -5.98 25.17 -32.87
N PRO A 233 -5.95 26.28 -32.12
CA PRO A 233 -7.19 26.95 -31.76
C PRO A 233 -7.93 27.48 -32.98
N ASP A 234 -9.24 27.61 -32.85
CA ASP A 234 -10.11 28.14 -33.88
C ASP A 234 -9.98 29.67 -33.94
N LYS A 235 -8.85 30.13 -34.46
CA LYS A 235 -8.60 31.55 -34.62
C LYS A 235 -7.99 31.73 -36.01
N ASN A 236 -8.13 32.94 -36.56
CA ASN A 236 -7.64 33.21 -37.92
C ASN A 236 -6.12 33.09 -37.97
N HIS A 237 -5.44 33.73 -37.02
CA HIS A 237 -3.98 33.66 -36.95
C HIS A 237 -3.59 33.23 -35.55
N THR A 238 -3.06 32.02 -35.45
CA THR A 238 -2.69 31.41 -34.19
C THR A 238 -1.54 30.44 -34.43
N THR A 239 -1.29 29.56 -33.46
CA THR A 239 -0.21 28.59 -33.59
C THR A 239 -0.60 27.29 -32.88
N ILE A 240 0.08 26.19 -33.18
CA ILE A 240 -0.23 24.92 -32.55
C ILE A 240 0.36 24.98 -31.15
N ARG A 241 -0.33 24.36 -30.21
N ARG A 241 -0.31 24.35 -30.21
CA ARG A 241 0.16 24.22 -28.84
CA ARG A 241 0.22 24.19 -28.87
C ARG A 241 -0.19 22.83 -28.34
C ARG A 241 -0.20 22.84 -28.32
N SER A 242 0.60 22.35 -27.38
CA SER A 242 0.36 21.08 -26.71
C SER A 242 0.08 21.43 -25.27
N VAL A 243 -1.12 21.10 -24.79
CA VAL A 243 -1.56 21.45 -23.46
C VAL A 243 -1.66 20.21 -22.58
N LEU A 244 -0.90 20.19 -21.49
CA LEU A 244 -1.00 19.13 -20.51
C LEU A 244 -2.22 19.47 -19.68
N MET A 245 -3.24 18.61 -19.77
CA MET A 245 -4.53 18.85 -19.15
C MET A 245 -4.74 17.92 -17.99
N GLU A 246 -5.34 18.44 -16.92
CA GLU A 246 -5.79 17.60 -15.79
C GLU A 246 -7.29 17.42 -15.92
N MET A 247 -7.73 16.18 -15.93
CA MET A 247 -9.17 15.87 -16.00
C MET A 247 -9.81 16.24 -14.65
N SER A 248 -11.05 16.72 -14.69
CA SER A 248 -11.79 17.05 -13.46
C SER A 248 -13.28 16.75 -13.64
N TYR A 249 -14.03 16.86 -12.56
CA TYR A 249 -15.47 16.65 -12.62
C TYR A 249 -16.18 17.31 -11.45
N ARG A 250 -17.49 17.50 -11.61
CA ARG A 250 -18.41 17.78 -10.50
C ARG A 250 -19.69 16.95 -10.68
N LEU A 251 -20.46 16.78 -9.60
CA LEU A 251 -21.71 16.00 -9.71
C LEU A 251 -22.91 16.89 -10.00
N ASP A 252 -23.81 16.42 -10.86
CA ASP A 252 -25.08 17.12 -11.07
C ASP A 252 -26.08 16.74 -9.98
N ASP A 253 -27.32 17.22 -10.08
CA ASP A 253 -28.32 16.98 -9.02
C ASP A 253 -28.79 15.53 -8.90
N THR A 254 -28.64 14.76 -9.98
CA THR A 254 -28.97 13.32 -9.96
C THR A 254 -27.79 12.45 -9.50
N GLY A 255 -26.62 13.07 -9.32
CA GLY A 255 -25.42 12.35 -8.88
C GLY A 255 -24.54 11.88 -10.02
N ASN A 256 -24.89 12.22 -11.26
CA ASN A 256 -24.03 11.94 -12.40
C ASN A 256 -22.96 13.02 -12.56
N PRO A 257 -21.76 12.61 -13.00
CA PRO A 257 -20.68 13.57 -13.16
C PRO A 257 -20.84 14.44 -14.38
N ILE A 258 -20.33 15.66 -14.27
CA ILE A 258 -20.11 16.55 -15.41
C ILE A 258 -18.58 16.62 -15.55
N CYS A 259 -18.04 16.17 -16.67
CA CYS A 259 -16.58 15.99 -16.78
C CYS A 259 -15.99 17.15 -17.54
N SER A 260 -14.79 17.58 -17.14
CA SER A 260 -14.12 18.67 -17.86
C SER A 260 -12.61 18.48 -17.76
N CYS A 261 -11.85 19.51 -18.11
CA CYS A 261 -10.40 19.47 -17.87
C CYS A 261 -9.88 20.87 -17.71
N GLN A 262 -8.67 21.01 -17.19
CA GLN A 262 -8.01 22.32 -17.15
C GLN A 262 -6.52 22.26 -17.43
N PRO A 263 -5.97 23.33 -18.03
CA PRO A 263 -4.57 23.31 -18.37
C PRO A 263 -3.69 23.34 -17.14
N VAL A 264 -2.60 22.56 -17.21
CA VAL A 264 -1.51 22.60 -16.28
C VAL A 264 -0.37 23.39 -16.92
N HIS A 265 0.13 22.88 -18.05
CA HIS A 265 1.20 23.49 -18.83
C HIS A 265 0.76 23.63 -20.27
N THR A 266 1.17 24.73 -20.91
CA THR A 266 0.94 24.91 -22.33
C THR A 266 2.31 25.09 -23.00
N PHE A 267 2.63 24.20 -23.93
CA PHE A 267 3.89 24.25 -24.66
C PHE A 267 3.59 24.71 -26.09
N PHE A 268 4.04 25.91 -26.43
CA PHE A 268 3.73 26.47 -27.73
C PHE A 268 4.64 25.88 -28.76
N GLY A 269 4.10 25.72 -29.97
CA GLY A 269 4.78 25.05 -31.05
C GLY A 269 4.72 25.88 -32.30
N GLY A 270 4.43 25.22 -33.42
CA GLY A 270 4.62 25.78 -34.74
C GLY A 270 3.37 26.39 -35.34
N PRO A 271 3.48 26.85 -36.59
CA PRO A 271 2.39 27.59 -37.20
C PRO A 271 1.32 26.73 -37.89
N THR A 272 1.60 25.45 -38.17
CA THR A 272 0.75 24.65 -39.09
C THR A 272 0.42 23.21 -38.67
N CYS A 273 -0.71 22.73 -39.22
CA CYS A 273 -1.44 21.52 -38.80
C CYS A 273 -1.15 20.22 -39.54
N LYS A 274 -0.52 20.24 -40.71
CA LYS A 274 -0.16 18.96 -41.36
C LYS A 274 1.33 18.71 -41.45
N LEU A 276 1.03 18.15 -37.83
CA LEU A 276 0.77 17.69 -36.48
C LEU A 276 1.46 16.34 -36.17
N THR A 277 2.39 16.38 -35.24
CA THR A 277 3.05 15.22 -34.71
C THR A 277 2.14 14.51 -33.72
N LYS A 278 1.88 13.22 -33.95
CA LYS A 278 1.28 12.42 -32.88
C LYS A 278 2.29 12.35 -31.75
N ASN A 279 2.03 13.08 -30.69
CA ASN A 279 3.01 13.24 -29.63
C ASN A 279 2.95 12.10 -28.64
N ALA A 280 3.66 12.25 -27.54
CA ALA A 280 3.70 11.22 -26.52
C ALA A 280 3.75 11.79 -25.11
N ILE A 281 3.20 11.01 -24.20
CA ILE A 281 3.26 11.35 -22.79
C ILE A 281 3.39 10.01 -22.08
N PHE A 282 4.33 9.91 -21.16
CA PHE A 282 4.70 8.61 -20.61
C PHE A 282 5.58 8.73 -19.39
N GLN A 283 5.64 7.64 -18.62
CA GLN A 283 6.43 7.61 -17.39
C GLN A 283 7.91 7.66 -17.70
N SER A 284 8.66 8.40 -16.89
CA SER A 284 10.12 8.40 -17.00
C SER A 284 10.65 6.98 -16.83
N PRO A 285 11.63 6.57 -17.64
CA PRO A 285 12.34 5.30 -17.43
C PRO A 285 12.93 5.14 -16.01
N GLU A 286 13.23 6.27 -15.37
CA GLU A 286 13.73 6.27 -13.99
C GLU A 286 12.78 5.66 -12.94
N ASN A 287 11.53 5.38 -13.31
CA ASN A 287 10.56 4.76 -12.38
C ASN A 287 10.43 5.53 -11.07
N ASP A 288 10.50 6.85 -11.17
CA ASP A 288 10.39 7.74 -10.01
C ASP A 288 9.01 8.41 -9.95
N GLY A 289 8.10 8.01 -10.85
CA GLY A 289 6.77 8.62 -10.94
C GLY A 289 6.71 9.92 -11.75
N ASN A 290 7.87 10.43 -12.18
CA ASN A 290 7.92 11.60 -13.07
C ASN A 290 7.39 11.22 -14.46
N ILE A 291 6.80 12.19 -15.13
CA ILE A 291 6.19 11.99 -16.46
C ILE A 291 6.92 12.88 -17.45
N LEU A 292 7.15 12.34 -18.64
CA LEU A 292 7.79 13.05 -19.72
C LEU A 292 6.77 13.38 -20.80
N VAL A 293 6.89 14.56 -21.39
CA VAL A 293 6.02 15.00 -22.45
C VAL A 293 6.95 15.22 -23.63
N CYS A 294 6.67 14.56 -24.76
CA CYS A 294 7.52 14.69 -25.94
C CYS A 294 6.68 15.28 -27.04
N THR A 295 7.13 16.42 -27.61
CA THR A 295 6.38 17.12 -28.62
C THR A 295 7.21 17.31 -29.91
N GLY A 296 6.60 17.01 -31.07
CA GLY A 296 7.18 17.35 -32.38
C GLY A 296 6.73 18.73 -32.83
N ALA A 300 9.46 22.57 -37.40
CA ALA A 300 10.83 22.31 -36.96
C ALA A 300 11.28 20.89 -37.29
N ASN A 301 12.58 20.65 -37.15
CA ASN A 301 13.12 19.30 -37.32
C ASN A 301 13.65 18.82 -35.98
N SER A 302 12.78 18.86 -34.98
CA SER A 302 13.17 18.48 -33.64
C SER A 302 11.99 17.81 -32.91
N ALA A 303 12.33 16.98 -31.94
CA ALA A 303 11.38 16.51 -30.95
C ALA A 303 11.87 16.99 -29.60
N LEU A 304 11.01 17.67 -28.87
CA LEU A 304 11.34 18.22 -27.56
C LEU A 304 10.75 17.37 -26.46
N LEU A 305 11.57 17.08 -25.46
CA LEU A 305 11.15 16.35 -24.26
C LEU A 305 11.04 17.29 -23.09
N TRP A 306 9.88 17.30 -22.43
CA TRP A 306 9.61 18.18 -21.30
C TRP A 306 9.33 17.42 -20.04
N ASP A 307 9.68 18.01 -18.90
CA ASP A 307 9.34 17.43 -17.60
C ASP A 307 7.92 17.89 -17.24
N ALA A 308 7.01 16.94 -17.06
CA ALA A 308 5.62 17.25 -16.82
C ALA A 308 5.40 17.92 -15.46
N ALA A 309 6.18 17.55 -14.46
CA ALA A 309 6.09 18.18 -13.15
C ALA A 309 6.40 19.69 -13.22
N SER A 310 7.59 20.01 -13.69
CA SER A 310 8.07 21.38 -13.66
C SER A 310 7.63 22.24 -14.84
N GLY A 311 7.34 21.59 -15.96
CA GLY A 311 7.08 22.30 -17.22
C GLY A 311 8.35 22.84 -17.89
N SER A 312 9.52 22.34 -17.50
CA SER A 312 10.78 22.80 -18.09
C SER A 312 11.36 21.78 -19.08
N LEU A 313 12.21 22.27 -19.96
CA LEU A 313 12.70 21.43 -21.06
C LEU A 313 13.85 20.53 -20.59
N LEU A 314 13.77 19.26 -20.95
CA LEU A 314 14.80 18.28 -20.60
C LEU A 314 15.76 17.99 -21.74
N GLN A 315 15.25 17.81 -22.96
CA GLN A 315 16.07 17.44 -24.11
C GLN A 315 15.49 17.98 -25.40
N ASP A 316 16.38 18.27 -26.34
CA ASP A 316 16.03 18.61 -27.71
C ASP A 316 16.69 17.51 -28.58
N LEU A 317 15.89 16.59 -29.11
CA LEU A 317 16.40 15.55 -30.00
C LEU A 317 16.35 16.03 -31.46
N GLN A 318 17.52 16.30 -32.04
CA GLN A 318 17.59 16.84 -33.38
C GLN A 318 17.43 15.76 -34.45
N THR A 319 16.73 16.11 -35.52
CA THR A 319 16.58 15.22 -36.67
C THR A 319 16.60 16.01 -37.96
N ASP A 320 16.95 15.34 -39.05
CA ASP A 320 17.03 15.98 -40.35
C ASP A 320 15.66 16.26 -40.97
N GLN A 321 14.60 15.63 -40.46
CA GLN A 321 13.26 15.78 -41.04
C GLN A 321 12.21 15.97 -39.94
N PRO A 322 11.04 16.53 -40.30
CA PRO A 322 9.96 16.66 -39.31
C PRO A 322 9.54 15.32 -38.71
N VAL A 323 9.22 15.34 -37.42
CA VAL A 323 8.82 14.14 -36.69
C VAL A 323 7.31 14.00 -36.75
N LEU A 324 6.86 12.85 -37.26
CA LEU A 324 5.44 12.60 -37.44
C LEU A 324 4.81 11.83 -36.26
N ASP A 325 5.62 11.08 -35.53
CA ASP A 325 5.14 10.25 -34.42
C ASP A 325 6.30 9.93 -33.50
N ILE A 326 5.99 9.73 -32.23
CA ILE A 326 6.98 9.45 -31.18
C ILE A 326 6.42 8.29 -30.35
N CYS A 327 7.24 7.27 -30.07
CA CYS A 327 6.77 6.07 -29.39
C CYS A 327 7.84 5.53 -28.43
N PRO A 328 7.58 5.57 -27.12
CA PRO A 328 8.48 4.92 -26.16
C PRO A 328 8.27 3.42 -26.14
N PHE A 329 9.34 2.69 -25.86
CA PHE A 329 9.22 1.24 -25.67
C PHE A 329 10.29 0.70 -24.73
N GLU A 330 9.98 -0.45 -24.12
CA GLU A 330 10.93 -1.13 -23.23
C GLU A 330 11.18 -2.54 -23.77
N VAL A 331 12.45 -2.95 -23.75
CA VAL A 331 12.82 -4.31 -24.14
C VAL A 331 14.11 -4.73 -23.42
N ASN A 332 14.11 -5.91 -22.81
CA ASN A 332 15.27 -6.47 -22.10
C ASN A 332 15.79 -5.53 -21.00
N ARG A 333 14.89 -5.03 -20.14
CA ARG A 333 15.22 -4.13 -19.02
C ARG A 333 15.91 -2.82 -19.42
N ASN A 334 15.67 -2.36 -20.65
CA ASN A 334 16.20 -1.08 -21.14
C ASN A 334 15.07 -0.29 -21.80
N SER A 335 15.14 1.04 -21.69
CA SER A 335 14.12 1.93 -22.23
C SER A 335 14.62 2.68 -23.45
N TYR A 336 13.73 2.84 -24.43
CA TYR A 336 14.05 3.43 -25.71
C TYR A 336 12.99 4.41 -26.14
N LEU A 337 13.33 5.22 -27.12
CA LEU A 337 12.39 6.14 -27.75
C LEU A 337 12.57 6.05 -29.25
N ALA A 338 11.46 5.94 -29.99
CA ALA A 338 11.48 6.00 -31.45
C ALA A 338 10.79 7.27 -31.93
N THR A 339 11.44 7.95 -32.87
CA THR A 339 10.84 9.06 -33.58
C THR A 339 10.73 8.67 -35.04
N LEU A 340 9.59 8.95 -35.64
CA LEU A 340 9.28 8.56 -37.00
C LEU A 340 9.29 9.79 -37.87
N THR A 341 10.00 9.71 -38.99
CA THR A 341 9.87 10.71 -40.05
C THR A 341 9.25 10.04 -41.29
N GLU A 342 9.14 10.78 -42.38
CA GLU A 342 8.44 10.29 -43.57
C GLU A 342 9.05 8.98 -44.17
N LYS A 343 10.36 8.82 -44.07
CA LYS A 343 11.06 7.64 -44.60
C LYS A 343 11.70 6.75 -43.53
N MET A 344 12.05 7.33 -42.39
CA MET A 344 12.94 6.69 -41.42
C MET A 344 12.40 6.71 -39.98
N VAL A 345 12.95 5.83 -39.15
CA VAL A 345 12.67 5.81 -37.72
C VAL A 345 14.02 5.89 -37.00
N HIS A 346 14.07 6.74 -35.99
CA HIS A 346 15.28 6.92 -35.18
C HIS A 346 15.07 6.33 -33.80
N ILE A 347 16.03 5.52 -33.37
CA ILE A 347 15.98 4.87 -32.10
C ILE A 347 16.97 5.53 -31.16
N TYR A 348 16.48 5.89 -29.99
CA TYR A 348 17.25 6.49 -28.91
C TYR A 348 17.16 5.56 -27.71
N LYS A 349 18.23 5.51 -26.91
CA LYS A 349 18.25 4.70 -25.69
C LYS A 349 18.44 5.56 -24.46
N TRP A 350 17.77 5.19 -23.36
CA TRP A 350 17.89 5.90 -22.11
C TRP A 350 19.14 5.42 -21.39
N GLU A 351 20.05 6.36 -21.09
CA GLU A 351 21.40 6.05 -20.64
C GLU A 351 21.91 7.13 -19.69
N HIS B 11 50.94 -0.35 21.71
CA HIS B 11 50.23 -1.39 20.92
C HIS B 11 49.25 -0.74 19.94
N LYS B 12 49.09 -1.35 18.77
CA LYS B 12 48.31 -0.76 17.67
C LYS B 12 48.18 -1.74 16.52
N TYR B 13 47.38 -1.37 15.53
CA TYR B 13 47.20 -2.20 14.35
C TYR B 13 48.22 -1.89 13.27
N HIS B 14 48.78 -2.95 12.69
CA HIS B 14 49.75 -2.86 11.61
C HIS B 14 49.20 -3.50 10.36
N PHE B 15 49.31 -2.79 9.23
CA PHE B 15 48.84 -3.33 7.97
C PHE B 15 49.57 -4.62 7.62
N GLN B 16 48.82 -5.62 7.15
CA GLN B 16 49.40 -6.89 6.75
C GLN B 16 49.26 -7.08 5.24
N LYS B 17 48.03 -7.21 4.76
CA LYS B 17 47.81 -7.40 3.32
C LYS B 17 46.42 -7.00 2.88
N THR B 18 46.26 -6.89 1.56
CA THR B 18 45.01 -6.51 0.95
C THR B 18 44.53 -7.66 0.08
N PHE B 19 43.21 -7.81 -0.02
CA PHE B 19 42.59 -8.81 -0.87
C PHE B 19 41.53 -8.16 -1.73
N THR B 20 41.41 -8.62 -2.97
CA THR B 20 40.44 -8.06 -3.89
C THR B 20 39.18 -8.92 -3.92
N VAL B 21 38.13 -8.43 -3.25
CA VAL B 21 36.88 -9.16 -3.11
C VAL B 21 36.04 -9.05 -4.39
N SER B 22 36.04 -7.88 -5.03
CA SER B 22 35.16 -7.64 -6.17
C SER B 22 35.71 -6.62 -7.18
N GLN B 23 36.17 -7.12 -8.33
CA GLN B 23 36.58 -6.30 -9.47
C GLN B 23 35.57 -5.18 -9.78
N ALA B 24 34.32 -5.58 -10.03
CA ALA B 24 33.25 -4.65 -10.36
C ALA B 24 32.90 -3.69 -9.21
N GLY B 25 33.27 -4.05 -7.99
CA GLY B 25 33.00 -3.22 -6.82
C GLY B 25 31.62 -3.51 -6.24
N ASN B 26 31.06 -2.50 -5.58
CA ASN B 26 29.73 -2.60 -4.95
C ASN B 26 29.70 -3.53 -3.73
N CYS B 27 30.85 -3.73 -3.08
CA CYS B 27 30.89 -4.37 -1.78
C CYS B 27 30.28 -3.40 -0.78
N ARG B 28 29.69 -3.92 0.29
CA ARG B 28 29.02 -3.03 1.26
C ARG B 28 29.22 -3.42 2.71
N ILE B 29 28.98 -4.69 3.06
CA ILE B 29 29.00 -5.07 4.46
C ILE B 29 29.71 -6.39 4.70
N MET B 30 30.29 -6.50 5.90
CA MET B 30 30.99 -7.69 6.36
C MET B 30 30.41 -8.20 7.66
N ALA B 31 30.64 -9.47 7.94
CA ALA B 31 30.40 -10.04 9.26
C ALA B 31 31.34 -11.21 9.47
N TYR B 32 31.62 -11.49 10.75
CA TYR B 32 32.58 -12.53 11.11
C TYR B 32 31.93 -13.65 11.93
N CYS B 33 32.19 -14.89 11.55
CA CYS B 33 31.79 -16.04 12.35
C CYS B 33 33.01 -16.57 13.11
N ASP B 34 33.06 -16.32 14.42
CA ASP B 34 34.20 -16.70 15.25
C ASP B 34 34.41 -18.21 15.35
N ALA B 35 33.33 -18.94 15.58
CA ALA B 35 33.41 -20.39 15.79
C ALA B 35 33.98 -21.14 14.59
N LEU B 36 33.75 -20.63 13.38
CA LEU B 36 34.28 -21.24 12.15
C LEU B 36 35.37 -20.39 11.48
N SER B 37 35.83 -19.34 12.14
CA SER B 37 36.91 -18.47 11.63
C SER B 37 36.70 -18.06 10.16
N CYS B 38 35.54 -17.45 9.90
CA CYS B 38 35.16 -17.10 8.55
C CYS B 38 34.63 -15.66 8.50
N LEU B 39 35.21 -14.85 7.61
CA LEU B 39 34.71 -13.51 7.31
C LEU B 39 33.86 -13.58 6.05
N VAL B 40 32.68 -12.98 6.08
CA VAL B 40 31.85 -12.88 4.88
C VAL B 40 31.68 -11.42 4.45
N ILE B 41 31.70 -11.17 3.13
CA ILE B 41 31.65 -9.84 2.53
C ILE B 41 30.55 -9.82 1.48
N SER B 42 29.62 -8.87 1.54
CA SER B 42 28.61 -8.74 0.51
C SER B 42 29.20 -8.18 -0.79
N GLN B 43 28.68 -8.67 -1.91
CA GLN B 43 29.16 -8.30 -3.23
C GLN B 43 28.14 -8.69 -4.31
N PRO B 44 28.13 -7.97 -5.44
CA PRO B 44 27.34 -8.44 -6.58
C PRO B 44 27.96 -9.70 -7.15
N SER B 45 27.14 -10.55 -7.76
CA SER B 45 27.62 -11.82 -8.31
C SER B 45 28.78 -11.61 -9.28
N PRO B 46 29.85 -12.41 -9.14
CA PRO B 46 30.90 -12.44 -10.16
C PRO B 46 30.39 -13.02 -11.48
N PRO B 52 24.22 -14.43 -10.78
CA PRO B 52 23.05 -13.62 -11.12
C PRO B 52 22.37 -13.10 -9.85
N GLY B 53 22.70 -11.87 -9.45
CA GLY B 53 22.16 -11.25 -8.23
C GLY B 53 23.24 -10.78 -7.26
N PHE B 54 23.01 -10.98 -5.96
CA PHE B 54 23.96 -10.62 -4.89
C PHE B 54 24.17 -11.77 -3.92
N GLY B 55 25.33 -11.77 -3.26
CA GLY B 55 25.67 -12.80 -2.29
C GLY B 55 26.92 -12.45 -1.52
N VAL B 56 27.59 -13.44 -0.95
CA VAL B 56 28.80 -13.17 -0.14
C VAL B 56 30.04 -13.95 -0.59
N LYS B 57 31.19 -13.30 -0.48
CA LYS B 57 32.46 -14.01 -0.62
C LYS B 57 32.83 -14.44 0.79
N MET B 58 33.02 -15.73 0.99
CA MET B 58 33.62 -16.23 2.22
C MET B 58 35.11 -15.96 2.20
N LEU B 59 35.71 -15.99 3.38
CA LEU B 59 37.16 -15.87 3.51
C LEU B 59 37.57 -16.49 4.84
N SER B 60 38.20 -17.66 4.77
CA SER B 60 38.69 -18.34 5.96
C SER B 60 39.87 -17.56 6.50
N THR B 61 39.80 -17.14 7.78
CA THR B 61 40.87 -16.34 8.37
C THR B 61 42.02 -17.18 8.94
N ALA B 62 41.87 -18.50 8.90
CA ALA B 62 43.00 -19.40 9.15
C ALA B 62 43.85 -19.56 7.87
N ASN B 63 43.19 -19.85 6.75
CA ASN B 63 43.85 -20.03 5.45
C ASN B 63 44.24 -18.69 4.82
N MET B 64 43.29 -17.76 4.80
CA MET B 64 43.52 -16.39 4.32
C MET B 64 43.72 -16.37 2.80
N SER B 67 38.31 -18.10 -0.54
CA SER B 67 37.16 -18.98 -0.40
C SER B 67 36.10 -18.74 -1.49
N GLN B 68 34.93 -19.35 -1.33
CA GLN B 68 33.91 -19.34 -2.38
C GLN B 68 33.03 -18.09 -2.38
N TYR B 69 32.31 -17.90 -3.49
CA TYR B 69 31.18 -16.97 -3.57
C TYR B 69 29.87 -17.75 -3.40
N ILE B 70 28.94 -17.22 -2.60
CA ILE B 70 27.66 -17.87 -2.35
C ILE B 70 26.55 -16.96 -2.85
N PRO B 71 25.71 -17.44 -3.79
CA PRO B 71 24.62 -16.60 -4.27
C PRO B 71 23.47 -16.60 -3.26
N MET B 72 22.83 -15.45 -3.07
CA MET B 72 21.86 -15.33 -1.98
C MET B 72 20.59 -14.56 -2.33
N HIS B 73 20.76 -13.36 -2.87
CA HIS B 73 19.63 -12.47 -3.09
C HIS B 73 19.59 -11.91 -4.51
N GLY B 74 18.44 -11.35 -4.86
CA GLY B 74 18.22 -10.75 -6.18
C GLY B 74 18.52 -9.26 -6.21
N LYS B 75 18.67 -8.66 -5.03
CA LYS B 75 19.03 -7.25 -4.91
C LYS B 75 20.04 -7.02 -3.78
N GLN B 76 20.48 -5.77 -3.64
CA GLN B 76 21.52 -5.36 -2.68
C GLN B 76 21.25 -5.94 -1.29
N ILE B 77 22.32 -6.40 -0.64
CA ILE B 77 22.24 -6.95 0.70
C ILE B 77 22.41 -5.80 1.70
N ARG B 78 21.50 -5.73 2.68
N ARG B 78 21.50 -5.78 2.67
CA ARG B 78 21.49 -4.62 3.65
CA ARG B 78 21.35 -4.69 3.64
C ARG B 78 21.75 -5.05 5.10
C ARG B 78 21.86 -5.05 5.05
N GLY B 79 22.01 -6.34 5.33
CA GLY B 79 22.42 -6.79 6.65
C GLY B 79 23.02 -8.18 6.56
N LEU B 80 24.02 -8.43 7.40
CA LEU B 80 24.62 -9.74 7.54
C LEU B 80 24.96 -9.90 9.00
N ALA B 81 24.60 -11.04 9.59
CA ALA B 81 24.90 -11.27 11.01
C ALA B 81 24.90 -12.74 11.39
N PHE B 82 25.84 -13.14 12.23
CA PHE B 82 25.86 -14.51 12.78
C PHE B 82 25.33 -14.55 14.22
N SER B 83 24.65 -15.63 14.58
N SER B 83 24.69 -15.66 14.57
CA SER B 83 24.21 -15.78 15.97
CA SER B 83 24.16 -15.86 15.92
C SER B 83 25.18 -16.57 16.77
C SER B 83 25.16 -16.61 16.77
N SER B 84 25.27 -16.22 18.05
CA SER B 84 26.05 -16.96 19.00
C SER B 84 25.42 -18.33 19.24
N TYR B 85 24.10 -18.43 19.07
CA TYR B 85 23.39 -19.66 19.36
C TYR B 85 23.35 -20.75 18.29
N LEU B 86 23.41 -20.38 17.02
CA LEU B 86 23.24 -21.35 15.93
C LEU B 86 24.50 -21.27 15.08
N ARG B 87 25.44 -22.19 15.34
CA ARG B 87 26.79 -22.10 14.75
C ARG B 87 26.81 -22.02 13.24
N GLY B 88 27.38 -20.93 12.73
CA GLY B 88 27.54 -20.70 11.29
C GLY B 88 26.29 -20.34 10.51
N LEU B 89 25.20 -20.02 11.21
CA LEU B 89 23.95 -19.70 10.54
C LEU B 89 23.93 -18.20 10.23
N LEU B 90 24.12 -17.85 8.96
CA LEU B 90 24.21 -16.46 8.53
C LEU B 90 22.83 -15.89 8.27
N LEU B 91 22.52 -14.79 8.93
CA LEU B 91 21.30 -14.05 8.70
C LEU B 91 21.62 -12.96 7.70
N SER B 92 20.77 -12.82 6.69
CA SER B 92 20.92 -11.75 5.72
C SER B 92 19.58 -11.10 5.46
N ALA B 93 19.62 -9.82 5.08
CA ALA B 93 18.43 -9.06 4.73
C ALA B 93 18.71 -8.35 3.42
N SER B 94 17.68 -8.12 2.62
CA SER B 94 17.87 -7.60 1.27
C SER B 94 16.72 -6.73 0.79
N LEU B 95 17.04 -5.81 -0.12
CA LEU B 95 16.04 -5.00 -0.79
C LEU B 95 15.11 -5.83 -1.69
N ASP B 96 15.42 -7.09 -1.91
CA ASP B 96 14.55 -8.00 -2.65
C ASP B 96 13.35 -8.48 -1.82
N ASN B 97 13.18 -7.91 -0.62
CA ASN B 97 12.06 -8.19 0.29
C ASN B 97 12.25 -9.42 1.18
N THR B 98 13.42 -10.05 1.17
CA THR B 98 13.59 -11.26 1.97
C THR B 98 14.57 -11.11 3.12
N ILE B 99 14.34 -11.96 4.11
CA ILE B 99 15.30 -12.30 5.13
C ILE B 99 15.66 -13.74 4.82
N LYS B 100 16.95 -14.05 4.85
CA LYS B 100 17.36 -15.42 4.61
C LYS B 100 18.32 -15.90 5.68
N LEU B 101 18.29 -17.20 5.91
CA LEU B 101 19.28 -17.90 6.72
C LEU B 101 20.07 -18.80 5.81
N THR B 102 21.39 -18.73 5.89
CA THR B 102 22.28 -19.52 5.06
C THR B 102 23.30 -20.19 5.97
N SER B 103 23.44 -21.51 5.86
CA SER B 103 24.38 -22.23 6.72
C SER B 103 25.72 -22.32 6.04
N LEU B 104 26.78 -22.01 6.78
CA LEU B 104 28.15 -22.15 6.26
C LEU B 104 28.63 -23.59 6.35
N GLU B 105 28.06 -24.39 7.23
CA GLU B 105 28.41 -25.81 7.29
C GLU B 105 28.19 -26.44 5.91
N THR B 106 27.08 -26.06 5.27
CA THR B 106 26.69 -26.62 3.98
C THR B 106 26.68 -25.60 2.82
N ASN B 107 27.04 -24.35 3.10
CA ASN B 107 27.01 -23.28 2.10
C ASN B 107 25.69 -23.24 1.32
N THR B 108 24.58 -23.46 2.02
CA THR B 108 23.25 -23.47 1.40
C THR B 108 22.25 -22.63 2.20
N VAL B 109 21.29 -22.05 1.47
CA VAL B 109 20.19 -21.31 2.07
C VAL B 109 19.20 -22.31 2.67
N VAL B 110 18.95 -22.20 3.97
CA VAL B 110 18.08 -23.15 4.67
C VAL B 110 16.72 -22.60 5.04
N GLN B 111 16.52 -21.29 4.88
N GLN B 111 16.52 -21.29 4.87
CA GLN B 111 15.25 -20.65 5.23
CA GLN B 111 15.26 -20.64 5.24
C GLN B 111 15.12 -19.28 4.58
C GLN B 111 15.13 -19.27 4.56
N THR B 112 13.93 -18.98 4.07
CA THR B 112 13.62 -17.69 3.50
C THR B 112 12.30 -17.19 4.08
N TYR B 113 12.29 -15.94 4.54
CA TYR B 113 11.07 -15.24 4.90
C TYR B 113 10.84 -14.12 3.91
N ASN B 114 9.61 -14.00 3.40
CA ASN B 114 9.23 -12.88 2.54
C ASN B 114 8.54 -11.81 3.38
N ALA B 115 9.22 -10.67 3.54
CA ALA B 115 8.72 -9.59 4.38
C ALA B 115 7.61 -8.77 3.71
N GLY B 116 7.52 -8.84 2.38
CA GLY B 116 6.49 -8.13 1.64
C GLY B 116 6.89 -6.74 1.16
N ARG B 117 8.04 -6.26 1.63
CA ARG B 117 8.61 -4.97 1.27
C ARG B 117 10.13 -5.08 1.42
N PRO B 118 10.88 -4.11 0.87
CA PRO B 118 12.34 -4.19 1.02
C PRO B 118 12.80 -4.18 2.48
N VAL B 119 13.82 -4.97 2.78
CA VAL B 119 14.35 -5.07 4.13
C VAL B 119 15.66 -4.32 4.19
N TRP B 120 15.71 -3.30 5.05
CA TRP B 120 16.83 -2.39 5.13
C TRP B 120 17.82 -2.67 6.26
N SER B 121 17.51 -3.61 7.14
CA SER B 121 18.40 -3.97 8.21
C SER B 121 17.96 -5.29 8.84
N CYS B 122 18.85 -5.92 9.57
CA CYS B 122 18.49 -7.12 10.35
C CYS B 122 19.49 -7.31 11.51
N CYS B 123 19.07 -8.04 12.56
CA CYS B 123 20.00 -8.48 13.59
C CYS B 123 19.41 -9.65 14.37
N TRP B 124 20.25 -10.31 15.15
CA TRP B 124 19.87 -11.41 16.02
C TRP B 124 19.56 -10.92 17.43
N CYS B 125 18.65 -11.62 18.10
CA CYS B 125 18.42 -11.44 19.52
C CYS B 125 19.59 -12.05 20.28
N LEU B 126 20.09 -11.34 21.29
CA LEU B 126 21.18 -11.85 22.14
C LEU B 126 20.71 -12.40 23.48
N ASP B 127 19.43 -12.26 23.79
CA ASP B 127 18.91 -12.80 25.05
C ASP B 127 18.41 -14.23 24.77
N GLU B 128 17.45 -14.74 25.54
CA GLU B 128 17.15 -16.17 25.55
C GLU B 128 16.05 -16.56 24.57
N ALA B 129 16.33 -16.32 23.29
CA ALA B 129 15.45 -16.73 22.20
C ALA B 129 16.27 -16.78 20.91
N ASN B 130 15.80 -17.58 19.96
CA ASN B 130 16.37 -17.59 18.63
C ASN B 130 15.48 -16.67 17.77
N TYR B 131 15.59 -15.36 18.00
CA TYR B 131 14.77 -14.34 17.37
C TYR B 131 15.58 -13.53 16.36
N ILE B 132 14.94 -13.16 15.25
CA ILE B 132 15.52 -12.33 14.21
C ILE B 132 14.72 -11.04 14.14
N TYR B 133 15.40 -9.89 14.03
CA TYR B 133 14.73 -8.60 13.81
C TYR B 133 15.02 -8.16 12.39
N ALA B 134 13.97 -7.76 11.67
CA ALA B 134 14.07 -7.31 10.28
C ALA B 134 13.45 -5.93 10.15
N GLY B 135 14.25 -4.94 9.76
CA GLY B 135 13.79 -3.56 9.65
C GLY B 135 13.31 -3.31 8.22
N LEU B 136 12.10 -2.81 8.07
CA LEU B 136 11.48 -2.69 6.76
C LEU B 136 11.46 -1.25 6.25
N ALA B 137 11.09 -1.10 4.99
CA ALA B 137 11.07 0.19 4.31
C ALA B 137 10.01 1.18 4.88
N ASN B 138 8.99 0.63 5.54
CA ASN B 138 7.91 1.42 6.13
C ASN B 138 8.10 1.73 7.62
N GLY B 139 9.30 1.46 8.13
CA GLY B 139 9.63 1.76 9.52
C GLY B 139 9.24 0.69 10.52
N SER B 140 8.61 -0.39 10.07
CA SER B 140 8.30 -1.50 10.97
C SER B 140 9.51 -2.41 11.21
N ILE B 141 9.53 -3.08 12.36
CA ILE B 141 10.44 -4.17 12.65
C ILE B 141 9.64 -5.44 12.74
N LEU B 142 9.94 -6.43 11.90
CA LEU B 142 9.33 -7.76 12.03
C LEU B 142 10.24 -8.61 12.91
N VAL B 143 9.63 -9.32 13.84
CA VAL B 143 10.33 -10.29 14.65
C VAL B 143 9.99 -11.69 14.15
N TYR B 144 11.02 -12.46 13.84
CA TYR B 144 10.85 -13.85 13.43
C TYR B 144 11.47 -14.76 14.48
N ASP B 145 10.80 -15.89 14.71
CA ASP B 145 11.25 -16.95 15.59
C ASP B 145 11.64 -18.10 14.68
N VAL B 146 12.86 -18.61 14.86
CA VAL B 146 13.38 -19.65 13.99
C VAL B 146 12.50 -20.91 14.06
N ARG B 147 11.77 -21.09 15.17
CA ARG B 147 10.86 -22.24 15.34
C ARG B 147 9.60 -22.13 14.47
N ASN B 148 9.31 -20.92 13.97
CA ASN B 148 8.16 -20.68 13.12
C ASN B 148 8.63 -20.29 11.72
N THR B 149 8.49 -21.20 10.77
CA THR B 149 9.03 -21.01 9.43
C THR B 149 8.04 -20.37 8.46
N SER B 150 6.84 -20.04 8.92
CA SER B 150 5.77 -19.59 8.01
C SER B 150 5.49 -18.09 8.07
N SER B 151 5.64 -17.47 9.25
CA SER B 151 5.44 -16.02 9.36
C SER B 151 6.14 -15.42 10.57
N HIS B 152 6.17 -14.11 10.61
CA HIS B 152 6.69 -13.36 11.77
C HIS B 152 5.80 -13.55 13.00
N VAL B 153 6.39 -13.40 14.19
CA VAL B 153 5.65 -13.55 15.43
C VAL B 153 5.31 -12.20 16.12
N GLN B 154 6.03 -11.12 15.79
CA GLN B 154 5.67 -9.77 16.24
C GLN B 154 5.95 -8.76 15.15
N GLU B 155 5.21 -7.65 15.17
CA GLU B 155 5.52 -6.49 14.35
C GLU B 155 5.58 -5.28 15.28
N LEU B 156 6.72 -4.61 15.27
CA LEU B 156 6.93 -3.42 16.10
C LEU B 156 6.79 -2.24 15.18
N VAL B 157 5.63 -1.58 15.23
CA VAL B 157 5.31 -0.60 14.17
C VAL B 157 6.10 0.69 14.33
N ALA B 158 6.25 1.40 13.23
CA ALA B 158 6.91 2.68 13.25
C ALA B 158 6.20 3.62 14.23
N GLN B 159 6.98 4.27 15.07
CA GLN B 159 6.46 5.16 16.09
C GLN B 159 6.07 6.50 15.50
N LYS B 160 7.03 7.15 14.87
CA LYS B 160 6.80 8.42 14.21
C LYS B 160 6.58 8.15 12.73
N ALA B 161 7.57 8.42 11.88
CA ALA B 161 7.38 8.37 10.43
C ALA B 161 7.70 6.99 9.84
N ARG B 162 6.98 6.65 8.77
CA ARG B 162 7.13 5.38 8.09
C ARG B 162 8.28 5.44 7.08
N CYS B 163 9.49 5.61 7.61
CA CYS B 163 10.70 5.75 6.82
C CYS B 163 11.53 4.49 6.99
N PRO B 164 12.36 4.15 5.99
CA PRO B 164 13.20 2.96 6.09
C PRO B 164 13.87 2.78 7.46
N LEU B 165 13.73 1.59 8.02
CA LEU B 165 14.48 1.24 9.24
C LEU B 165 15.82 0.66 8.84
N VAL B 166 16.85 1.49 8.91
CA VAL B 166 18.15 1.21 8.32
C VAL B 166 19.19 0.65 9.28
N SER B 167 18.88 0.58 10.58
CA SER B 167 19.85 0.10 11.56
C SER B 167 19.21 -0.59 12.76
N LEU B 168 19.72 -1.77 13.08
CA LEU B 168 19.28 -2.58 14.21
C LEU B 168 20.49 -3.09 14.99
N SER B 169 20.54 -2.86 16.29
CA SER B 169 21.65 -3.31 17.09
C SER B 169 21.15 -3.74 18.46
N TYR B 170 21.48 -4.97 18.85
CA TYR B 170 20.93 -5.55 20.06
C TYR B 170 21.82 -5.32 21.27
N MET B 171 21.21 -4.88 22.38
CA MET B 171 21.88 -4.68 23.65
C MET B 171 21.47 -5.88 24.53
N PRO B 172 22.43 -6.74 24.92
CA PRO B 172 22.06 -7.88 25.76
C PRO B 172 21.56 -7.45 27.15
N ARG B 173 20.65 -8.22 27.72
CA ARG B 173 20.25 -8.03 29.12
C ARG B 173 21.45 -8.34 30.00
N ALA B 174 21.66 -7.54 31.05
CA ALA B 174 22.72 -7.79 32.03
C ALA B 174 22.27 -7.33 33.43
N ALA B 175 21.67 -8.26 34.18
CA ALA B 175 20.91 -7.91 35.40
C ALA B 175 21.67 -7.10 36.45
N SER B 176 22.99 -7.32 36.59
CA SER B 176 23.72 -6.54 37.60
C SER B 176 24.31 -5.20 37.10
N ALA B 177 24.12 -4.87 35.82
CA ALA B 177 24.73 -3.67 35.27
C ALA B 177 23.93 -2.42 35.64
N ALA B 178 24.57 -1.26 35.52
CA ALA B 178 23.91 0.03 35.73
C ALA B 178 22.75 0.28 34.75
N PHE B 179 22.85 -0.20 33.50
CA PHE B 179 21.70 -0.27 32.58
C PHE B 179 21.47 -1.75 32.29
N PRO B 180 20.54 -2.41 33.02
CA PRO B 180 20.43 -3.87 32.97
C PRO B 180 19.58 -4.46 31.85
N TYR B 181 18.80 -3.62 31.17
CA TYR B 181 17.81 -4.05 30.21
C TYR B 181 18.41 -4.55 28.91
N GLY B 182 17.71 -5.50 28.31
CA GLY B 182 18.09 -6.01 27.01
C GLY B 182 17.04 -5.60 26.00
N GLY B 183 17.47 -5.38 24.77
CA GLY B 183 16.52 -5.03 23.73
C GLY B 183 17.21 -4.57 22.47
N VAL B 184 16.44 -4.08 21.51
CA VAL B 184 17.04 -3.69 20.22
C VAL B 184 16.96 -2.19 20.01
N LEU B 185 18.12 -1.60 19.75
CA LEU B 185 18.20 -0.22 19.28
C LEU B 185 17.86 -0.16 17.79
N ALA B 186 16.96 0.75 17.44
CA ALA B 186 16.41 0.83 16.09
C ALA B 186 16.43 2.26 15.59
N GLY B 187 17.01 2.47 14.39
CA GLY B 187 17.00 3.78 13.76
C GLY B 187 16.35 3.77 12.39
N THR B 188 15.44 4.73 12.17
CA THR B 188 14.96 5.07 10.84
C THR B 188 15.69 6.32 10.33
N LEU B 189 15.37 6.75 9.13
CA LEU B 189 15.97 7.93 8.54
C LEU B 189 15.66 9.19 9.39
N GLU B 190 14.58 9.15 10.17
CA GLU B 190 14.11 10.31 10.92
C GLU B 190 14.01 10.15 12.44
N ASP B 191 14.18 8.94 12.97
CA ASP B 191 13.98 8.76 14.41
C ASP B 191 14.69 7.52 14.97
N ALA B 192 14.73 7.41 16.29
CA ALA B 192 15.39 6.28 16.91
C ALA B 192 14.73 5.91 18.21
N SER B 193 14.67 4.61 18.45
CA SER B 193 14.03 4.01 19.61
C SER B 193 14.87 2.86 20.19
N PHE B 194 14.72 2.61 21.48
CA PHE B 194 15.18 1.35 22.08
C PHE B 194 13.92 0.54 22.35
N TRP B 195 13.86 -0.64 21.75
CA TRP B 195 12.74 -1.54 21.94
C TRP B 195 13.17 -2.53 23.02
N GLU B 196 12.78 -2.24 24.26
CA GLU B 196 13.07 -3.11 25.39
C GLU B 196 12.36 -4.45 25.21
N GLN B 197 13.12 -5.55 25.32
CA GLN B 197 12.50 -6.87 25.36
C GLN B 197 12.17 -7.21 26.81
N LYS B 198 10.89 -7.37 27.09
CA LYS B 198 10.39 -7.66 28.43
C LYS B 198 10.46 -9.16 28.71
N MET B 199 10.15 -9.52 29.96
CA MET B 199 10.35 -10.88 30.44
C MET B 199 9.53 -11.89 29.63
N ASP B 200 8.35 -11.47 29.15
CA ASP B 200 7.48 -12.32 28.32
C ASP B 200 7.78 -12.29 26.82
N PHE B 201 8.89 -11.65 26.45
CA PHE B 201 9.35 -11.59 25.05
C PHE B 201 8.60 -10.59 24.16
N SER B 202 7.65 -9.85 24.73
CA SER B 202 7.09 -8.68 24.07
C SER B 202 8.14 -7.57 24.04
N HIS B 203 7.95 -6.58 23.17
CA HIS B 203 8.90 -5.46 23.04
C HIS B 203 8.19 -4.14 23.25
N TRP B 204 8.84 -3.23 23.98
CA TRP B 204 8.25 -1.94 24.33
C TRP B 204 9.15 -0.79 23.86
N PRO B 205 8.59 0.15 23.05
CA PRO B 205 9.38 1.24 22.50
C PRO B 205 9.70 2.37 23.47
N HIS B 206 10.96 2.82 23.44
CA HIS B 206 11.43 3.96 24.18
C HIS B 206 12.10 4.96 23.22
N VAL B 207 11.51 6.14 23.05
CA VAL B 207 12.09 7.13 22.14
C VAL B 207 13.43 7.61 22.66
N LEU B 208 14.42 7.70 21.77
CA LEU B 208 15.74 8.17 22.16
C LEU B 208 15.94 9.63 21.73
N PRO B 209 16.73 10.39 22.48
CA PRO B 209 16.96 11.83 22.21
C PRO B 209 17.88 12.05 21.02
N LEU B 210 17.39 11.69 19.83
CA LEU B 210 18.17 11.71 18.61
C LEU B 210 17.24 12.08 17.47
N GLU B 211 17.65 13.04 16.64
CA GLU B 211 16.89 13.42 15.46
C GLU B 211 17.76 13.22 14.24
N PRO B 212 17.78 12.00 13.70
CA PRO B 212 18.56 11.80 12.49
C PRO B 212 17.93 12.52 11.31
N GLY B 213 18.76 12.86 10.33
CA GLY B 213 18.30 13.53 9.11
C GLY B 213 18.83 12.84 7.89
N GLY B 214 18.50 11.56 7.75
CA GLY B 214 18.79 10.82 6.51
C GLY B 214 19.62 9.57 6.64
N CYS B 215 20.29 9.38 7.78
CA CYS B 215 21.11 8.18 7.98
C CYS B 215 21.46 8.01 9.46
N ILE B 216 21.60 6.77 9.88
CA ILE B 216 21.88 6.44 11.27
C ILE B 216 22.35 4.99 11.34
N ASP B 217 23.35 4.73 12.19
CA ASP B 217 23.96 3.40 12.35
C ASP B 217 24.27 3.22 13.82
N PHE B 218 23.65 2.20 14.44
CA PHE B 218 23.91 1.81 15.83
C PHE B 218 24.87 0.63 15.92
N GLN B 219 25.86 0.73 16.79
CA GLN B 219 26.80 -0.34 17.07
C GLN B 219 26.92 -0.48 18.57
N THR B 220 26.77 -1.69 19.11
CA THR B 220 26.78 -1.88 20.55
C THR B 220 28.04 -2.60 20.99
N GLU B 221 28.60 -2.17 22.12
CA GLU B 221 29.76 -2.83 22.72
C GLU B 221 29.32 -3.52 24.01
N ASN B 222 29.33 -4.85 23.98
CA ASN B 222 28.71 -5.65 25.04
C ASN B 222 29.39 -5.55 26.44
N SER B 223 30.72 -5.42 26.50
CA SER B 223 31.40 -5.38 27.81
C SER B 223 31.15 -4.06 28.60
N SER B 224 31.30 -2.93 27.94
CA SER B 224 31.06 -1.62 28.57
C SER B 224 29.59 -1.23 28.57
N ARG B 225 28.81 -1.87 27.70
CA ARG B 225 27.40 -1.53 27.52
C ARG B 225 27.16 -0.08 27.00
N HIS B 226 28.13 0.48 26.29
CA HIS B 226 27.90 1.70 25.53
C HIS B 226 27.44 1.33 24.13
N CYS B 227 26.89 2.31 23.42
CA CYS B 227 26.65 2.14 22.00
C CYS B 227 27.27 3.31 21.27
N LEU B 228 27.65 3.06 20.03
CA LEU B 228 28.15 4.09 19.15
C LEU B 228 27.04 4.37 18.17
N VAL B 229 26.61 5.62 18.10
CA VAL B 229 25.57 6.00 17.16
C VAL B 229 26.18 6.97 16.16
N THR B 230 26.29 6.56 14.91
CA THR B 230 26.83 7.42 13.86
C THR B 230 25.65 7.89 13.01
N TYR B 231 25.49 9.21 12.85
CA TYR B 231 24.31 9.74 12.15
C TYR B 231 24.55 11.17 11.66
N ARG B 232 23.67 11.60 10.76
CA ARG B 232 23.64 12.99 10.32
C ARG B 232 22.43 13.64 10.97
N PRO B 233 22.62 14.74 11.71
CA PRO B 233 21.46 15.42 12.30
C PRO B 233 20.52 15.97 11.25
N ASP B 234 19.27 16.13 11.65
CA ASP B 234 18.25 16.74 10.80
C ASP B 234 18.48 18.25 10.79
N LYS B 235 19.45 18.69 9.99
CA LYS B 235 19.73 20.11 9.77
C LYS B 235 19.88 20.31 8.26
N ASN B 236 19.81 21.56 7.81
CA ASN B 236 20.04 21.85 6.40
C ASN B 236 21.49 21.53 6.04
N HIS B 237 22.43 22.05 6.82
CA HIS B 237 23.84 21.89 6.51
C HIS B 237 24.59 21.42 7.76
N THR B 238 25.18 20.24 7.69
CA THR B 238 25.70 19.62 8.92
C THR B 238 26.70 18.50 8.63
N THR B 239 27.27 17.96 9.69
CA THR B 239 28.31 16.94 9.63
C THR B 239 27.74 15.59 10.08
N ILE B 240 28.34 14.51 9.64
CA ILE B 240 28.15 13.21 10.30
C ILE B 240 28.90 13.26 11.62
N ARG B 241 28.29 12.76 12.69
N ARG B 241 28.29 12.75 12.68
CA ARG B 241 29.03 12.57 13.95
CA ARG B 241 28.99 12.56 13.95
C ARG B 241 28.77 11.19 14.51
C ARG B 241 28.79 11.15 14.46
N SER B 242 29.78 10.63 15.18
CA SER B 242 29.68 9.33 15.85
C SER B 242 29.70 9.65 17.34
N VAL B 243 28.63 9.30 18.04
CA VAL B 243 28.45 9.65 19.44
C VAL B 243 28.54 8.38 20.28
N LEU B 244 29.50 8.34 21.19
CA LEU B 244 29.60 7.27 22.16
C LEU B 244 28.56 7.60 23.20
N MET B 245 27.53 6.75 23.28
CA MET B 245 26.37 6.98 24.15
C MET B 245 26.37 6.04 25.32
N GLU B 246 25.85 6.51 26.46
CA GLU B 246 25.59 5.65 27.61
C GLU B 246 24.11 5.58 27.85
N MET B 247 23.59 4.37 27.92
CA MET B 247 22.17 4.15 28.11
C MET B 247 21.80 4.55 29.52
N SER B 248 20.57 5.02 29.72
CA SER B 248 20.13 5.43 31.06
C SER B 248 18.65 5.16 31.23
N TYR B 249 18.18 5.19 32.47
CA TYR B 249 16.76 5.01 32.72
C TYR B 249 16.28 5.69 34.02
N ARG B 250 14.96 5.90 34.08
CA ARG B 250 14.20 6.20 35.31
C ARG B 250 13.05 5.19 35.39
N LEU B 251 12.53 4.96 36.60
CA LEU B 251 11.40 4.06 36.76
C LEU B 251 10.08 4.80 36.80
N ASP B 252 9.04 4.21 36.22
CA ASP B 252 7.68 4.74 36.36
C ASP B 252 7.02 4.18 37.64
N ASP B 253 5.75 4.49 37.82
CA ASP B 253 5.01 4.14 39.04
C ASP B 253 4.64 2.65 39.13
N THR B 254 4.93 1.88 38.09
CA THR B 254 4.69 0.43 38.12
C THR B 254 6.00 -0.36 38.17
N GLY B 255 7.12 0.33 38.31
CA GLY B 255 8.43 -0.32 38.38
C GLY B 255 8.98 -0.74 37.03
N ASN B 256 8.43 -0.16 35.97
CA ASN B 256 8.97 -0.33 34.62
C ASN B 256 9.88 0.87 34.26
N PRO B 257 10.90 0.63 33.43
CA PRO B 257 11.80 1.71 33.07
C PRO B 257 11.27 2.67 31.99
N ILE B 258 11.75 3.91 32.05
CA ILE B 258 11.70 4.85 30.94
C ILE B 258 13.13 5.00 30.49
N CYS B 259 13.48 4.43 29.33
CA CYS B 259 14.85 4.41 28.85
C CYS B 259 15.23 5.62 28.00
N SER B 260 16.46 6.06 28.16
CA SER B 260 17.03 7.11 27.35
C SER B 260 18.51 6.86 27.12
N CYS B 261 19.23 7.86 26.64
CA CYS B 261 20.65 7.79 26.53
C CYS B 261 21.24 9.18 26.55
N GLN B 262 22.54 9.27 26.79
CA GLN B 262 23.22 10.55 26.74
C GLN B 262 24.65 10.38 26.21
N PRO B 263 25.16 11.43 25.57
CA PRO B 263 26.49 11.38 24.98
C PRO B 263 27.60 11.39 26.01
N VAL B 264 28.66 10.65 25.72
CA VAL B 264 29.91 10.69 26.44
C VAL B 264 30.94 11.43 25.60
N HIS B 265 31.23 10.90 24.40
CA HIS B 265 32.10 11.59 23.42
C HIS B 265 31.36 11.76 22.12
N THR B 266 31.59 12.90 21.44
CA THR B 266 31.08 13.13 20.10
C THR B 266 32.27 13.35 19.18
N PHE B 267 32.45 12.44 18.23
CA PHE B 267 33.52 12.54 17.24
C PHE B 267 32.96 12.94 15.88
N PHE B 268 33.40 14.07 15.34
CA PHE B 268 32.86 14.57 14.08
C PHE B 268 33.48 13.92 12.86
N GLY B 269 32.64 13.73 11.85
CA GLY B 269 33.00 13.01 10.62
C GLY B 269 32.86 13.93 9.43
N GLY B 270 32.48 13.37 8.29
CA GLY B 270 32.34 14.12 7.03
C GLY B 270 30.97 14.76 6.87
N PRO B 271 30.68 15.30 5.67
CA PRO B 271 29.38 15.94 5.46
C PRO B 271 28.34 15.04 4.76
N THR B 272 28.74 13.83 4.39
CA THR B 272 27.96 12.95 3.52
C THR B 272 27.46 11.70 4.23
N CYS B 273 26.19 11.37 4.03
CA CYS B 273 25.61 10.07 4.44
C CYS B 273 26.01 8.95 3.51
N LYS B 274 25.58 9.07 2.25
CA LYS B 274 25.68 7.98 1.26
C LYS B 274 26.87 7.07 1.52
N THR B 277 28.02 3.83 5.84
CA THR B 277 29.16 3.91 6.75
C THR B 277 28.98 3.14 8.08
N LYS B 278 28.98 1.80 8.03
CA LYS B 278 28.96 1.02 9.28
C LYS B 278 30.30 1.22 9.97
N ASN B 279 30.24 1.35 11.29
CA ASN B 279 31.39 1.66 12.11
C ASN B 279 31.61 0.55 13.12
N ALA B 280 32.52 0.75 14.06
CA ALA B 280 32.77 -0.30 15.01
C ALA B 280 33.13 0.22 16.38
N ILE B 281 32.77 -0.58 17.37
CA ILE B 281 33.19 -0.34 18.73
C ILE B 281 33.46 -1.71 19.33
N PHE B 282 34.61 -1.85 19.97
CA PHE B 282 35.02 -3.15 20.47
C PHE B 282 36.13 -3.04 21.51
N GLN B 283 36.28 -4.10 22.29
CA GLN B 283 37.32 -4.22 23.30
C GLN B 283 38.70 -4.15 22.69
N SER B 284 39.62 -3.45 23.35
CA SER B 284 41.01 -3.48 22.93
C SER B 284 41.50 -4.93 23.01
N PRO B 285 42.27 -5.37 22.02
CA PRO B 285 42.86 -6.72 22.06
C PRO B 285 43.76 -6.99 23.27
N GLU B 286 44.19 -5.94 23.98
CA GLU B 286 44.97 -6.13 25.19
C GLU B 286 44.13 -6.68 26.35
N ASN B 287 42.80 -6.67 26.22
CA ASN B 287 41.92 -7.18 27.26
C ASN B 287 42.29 -6.52 28.59
N ASP B 288 42.20 -5.20 28.60
CA ASP B 288 42.55 -4.39 29.77
C ASP B 288 41.41 -3.46 30.17
N GLY B 289 40.22 -3.68 29.63
CA GLY B 289 39.09 -2.80 29.85
C GLY B 289 38.95 -1.64 28.87
N ASN B 290 40.01 -1.32 28.11
CA ASN B 290 39.95 -0.19 27.17
C ASN B 290 39.08 -0.57 25.98
N ILE B 291 38.32 0.40 25.47
CA ILE B 291 37.44 0.20 24.32
C ILE B 291 37.95 1.04 23.18
N LEU B 292 37.88 0.50 21.96
CA LEU B 292 38.24 1.24 20.78
C LEU B 292 36.97 1.60 20.03
N VAL B 293 36.99 2.80 19.44
CA VAL B 293 35.90 3.28 18.60
C VAL B 293 36.53 3.53 17.24
N CYS B 294 35.91 3.00 16.19
N CYS B 294 35.93 2.97 16.20
CA CYS B 294 36.45 3.10 14.84
CA CYS B 294 36.43 3.11 14.84
C CYS B 294 35.43 3.75 13.94
C CYS B 294 35.39 3.80 13.98
N THR B 295 35.80 4.91 13.38
CA THR B 295 34.92 5.73 12.57
C THR B 295 35.53 5.89 11.18
N GLY B 296 34.76 5.58 10.14
CA GLY B 296 35.15 5.92 8.77
C GLY B 296 35.02 7.43 8.53
N ALA B 299 34.04 11.02 2.92
CA ALA B 299 34.85 12.23 2.75
C ALA B 299 36.29 12.08 3.27
N ALA B 300 36.85 10.88 3.13
CA ALA B 300 38.25 10.62 3.48
C ALA B 300 38.67 9.20 3.08
N ASN B 301 39.97 9.01 2.87
CA ASN B 301 40.52 7.66 2.74
C ASN B 301 41.10 7.25 4.10
N SER B 302 40.31 7.47 5.17
CA SER B 302 40.76 7.26 6.53
C SER B 302 39.75 6.43 7.31
N ALA B 303 40.28 5.51 8.12
CA ALA B 303 39.55 4.99 9.27
C ALA B 303 40.28 5.45 10.52
N LEU B 304 39.57 6.11 11.42
CA LEU B 304 40.17 6.62 12.65
C LEU B 304 39.85 5.72 13.81
N LEU B 305 40.86 5.39 14.62
CA LEU B 305 40.67 4.63 15.85
C LEU B 305 40.85 5.55 17.05
N TRP B 306 39.84 5.58 17.93
CA TRP B 306 39.84 6.44 19.09
C TRP B 306 39.84 5.63 20.39
N ASP B 307 40.49 6.18 21.41
CA ASP B 307 40.38 5.66 22.77
C ASP B 307 39.08 6.13 23.40
N ALA B 308 38.20 5.19 23.72
CA ALA B 308 36.87 5.51 24.25
C ALA B 308 36.89 6.12 25.65
N ALA B 309 37.91 5.78 26.43
CA ALA B 309 38.06 6.34 27.76
C ALA B 309 38.34 7.84 27.68
N SER B 310 39.44 8.19 27.01
CA SER B 310 39.94 9.56 26.99
C SER B 310 39.32 10.45 25.91
N GLY B 311 38.90 9.84 24.79
CA GLY B 311 38.34 10.56 23.66
C GLY B 311 39.38 11.08 22.68
N SER B 312 40.62 10.61 22.78
CA SER B 312 41.69 11.08 21.88
C SER B 312 41.99 10.05 20.80
N LEU B 313 42.58 10.51 19.71
CA LEU B 313 42.92 9.64 18.60
C LEU B 313 44.08 8.69 18.93
N LEU B 314 43.93 7.41 18.57
CA LEU B 314 45.02 6.44 18.72
C LEU B 314 45.78 6.21 17.42
N GLN B 315 45.04 6.10 16.32
CA GLN B 315 45.58 5.69 15.04
C GLN B 315 44.73 6.23 13.89
N ASP B 316 45.38 6.56 12.79
CA ASP B 316 44.71 6.94 11.54
C ASP B 316 45.13 5.89 10.50
N LEU B 317 44.20 5.00 10.12
CA LEU B 317 44.49 3.97 9.10
C LEU B 317 44.21 4.51 7.71
N GLN B 318 45.27 4.84 6.96
CA GLN B 318 45.11 5.44 5.63
C GLN B 318 44.98 4.38 4.55
N THR B 319 44.07 4.60 3.61
CA THR B 319 43.88 3.72 2.45
C THR B 319 43.76 4.57 1.18
N ASP B 320 43.32 3.97 0.07
CA ASP B 320 43.17 4.68 -1.20
C ASP B 320 41.71 5.00 -1.55
N GLN B 321 40.75 4.35 -0.87
CA GLN B 321 39.32 4.62 -1.08
C GLN B 321 38.57 4.70 0.25
N PRO B 322 37.31 5.17 0.22
CA PRO B 322 36.47 5.27 1.43
C PRO B 322 36.11 3.93 2.08
N VAL B 323 36.20 3.86 3.40
CA VAL B 323 35.89 2.65 4.15
C VAL B 323 34.38 2.56 4.37
N LEU B 324 33.79 1.44 3.93
CA LEU B 324 32.36 1.23 4.03
C LEU B 324 31.97 0.42 5.26
N ASP B 325 32.89 -0.38 5.77
CA ASP B 325 32.62 -1.23 6.93
C ASP B 325 33.92 -1.57 7.68
N ILE B 326 33.81 -1.79 8.98
CA ILE B 326 34.95 -2.11 9.82
C ILE B 326 34.58 -3.30 10.71
N CYS B 327 35.45 -4.30 10.77
CA CYS B 327 35.16 -5.52 11.51
C CYS B 327 36.40 -6.10 12.20
N PRO B 328 36.40 -6.14 13.54
CA PRO B 328 37.51 -6.78 14.24
C PRO B 328 37.31 -8.29 14.22
N PHE B 329 38.40 -9.04 14.22
CA PHE B 329 38.29 -10.48 14.44
C PHE B 329 39.55 -11.07 15.05
N GLU B 330 39.39 -12.29 15.54
CA GLU B 330 40.48 -13.02 16.17
C GLU B 330 40.59 -14.40 15.56
N VAL B 331 41.82 -14.88 15.43
CA VAL B 331 42.10 -16.26 15.05
C VAL B 331 43.53 -16.63 15.44
N ASN B 332 43.70 -17.85 15.96
CA ASN B 332 45.02 -18.35 16.40
C ASN B 332 45.65 -17.51 17.52
N ARG B 333 44.80 -16.99 18.41
CA ARG B 333 45.23 -16.09 19.49
C ARG B 333 45.97 -14.83 18.96
N ASN B 334 45.55 -14.34 17.80
CA ASN B 334 45.95 -13.04 17.29
C ASN B 334 44.70 -12.23 17.03
N SER B 335 44.80 -10.91 17.16
CA SER B 335 43.67 -10.01 16.90
C SER B 335 43.93 -9.22 15.63
N TYR B 336 42.89 -9.08 14.81
CA TYR B 336 42.97 -8.42 13.53
C TYR B 336 41.85 -7.41 13.37
N LEU B 337 42.02 -6.53 12.41
CA LEU B 337 40.97 -5.59 12.01
C LEU B 337 40.82 -5.65 10.51
N ALA B 338 39.58 -5.71 10.05
CA ALA B 338 39.29 -5.65 8.62
C ALA B 338 38.58 -4.34 8.30
N THR B 339 39.04 -3.66 7.25
CA THR B 339 38.35 -2.51 6.70
C THR B 339 37.92 -2.83 5.28
N LEU B 340 36.71 -2.46 4.92
CA LEU B 340 36.16 -2.81 3.62
C LEU B 340 35.94 -1.57 2.77
N THR B 341 36.43 -1.61 1.53
CA THR B 341 36.13 -0.61 0.52
C THR B 341 35.18 -1.21 -0.52
N GLU B 342 34.83 -0.41 -1.54
CA GLU B 342 34.07 -0.88 -2.71
C GLU B 342 34.51 -2.24 -3.26
N LYS B 343 35.81 -2.41 -3.43
CA LYS B 343 36.35 -3.60 -4.07
C LYS B 343 37.28 -4.43 -3.18
N MET B 344 37.82 -3.86 -2.12
CA MET B 344 38.90 -4.53 -1.40
C MET B 344 38.68 -4.56 0.10
N VAL B 345 39.29 -5.55 0.74
CA VAL B 345 39.30 -5.65 2.21
C VAL B 345 40.75 -5.60 2.69
N HIS B 346 41.04 -4.68 3.60
CA HIS B 346 42.39 -4.55 4.15
C HIS B 346 42.46 -5.21 5.48
N ILE B 347 43.57 -5.90 5.74
CA ILE B 347 43.73 -6.66 6.96
C ILE B 347 44.90 -6.13 7.78
N TYR B 348 44.58 -5.72 9.01
CA TYR B 348 45.57 -5.23 9.94
C TYR B 348 45.72 -6.23 11.09
N LYS B 349 46.91 -6.31 11.67
CA LYS B 349 47.18 -7.21 12.79
C LYS B 349 47.58 -6.39 14.00
N TRP B 350 46.95 -6.66 15.14
CA TRP B 350 47.31 -6.01 16.39
C TRP B 350 48.67 -6.52 16.86
N GLU B 351 49.62 -5.59 17.02
CA GLU B 351 50.91 -5.90 17.64
C GLU B 351 51.24 -4.84 18.68
N HIS C 11 -48.84 -7.75 22.94
CA HIS C 11 -48.27 -6.89 21.86
C HIS C 11 -47.13 -7.58 21.12
N LYS C 12 -46.86 -7.07 19.92
CA LYS C 12 -45.76 -7.54 19.09
C LYS C 12 -45.41 -6.49 18.05
N TYR C 13 -44.44 -6.78 17.19
CA TYR C 13 -44.03 -5.85 16.15
C TYR C 13 -44.79 -6.12 14.85
N HIS C 14 -45.32 -5.05 14.26
CA HIS C 14 -46.10 -5.12 13.00
C HIS C 14 -45.44 -4.28 11.89
N PHE C 15 -45.18 -4.89 10.75
CA PHE C 15 -44.53 -4.18 9.63
C PHE C 15 -45.25 -2.89 9.26
N GLN C 16 -44.48 -1.83 9.04
CA GLN C 16 -45.01 -0.51 8.67
C GLN C 16 -44.55 -0.10 7.28
N LYS C 17 -43.24 0.03 7.07
CA LYS C 17 -42.75 0.52 5.78
C LYS C 17 -41.33 0.08 5.52
N THR C 18 -40.98 0.06 4.23
CA THR C 18 -39.65 -0.30 3.75
C THR C 18 -39.07 0.84 2.94
N PHE C 19 -37.80 1.17 3.21
CA PHE C 19 -37.09 2.24 2.51
C PHE C 19 -35.88 1.64 1.85
N THR C 20 -35.68 1.95 0.58
CA THR C 20 -34.51 1.50 -0.15
C THR C 20 -33.31 2.36 0.27
N VAL C 21 -32.28 1.72 0.80
CA VAL C 21 -31.07 2.41 1.24
C VAL C 21 -30.05 2.52 0.11
N SER C 22 -29.87 1.41 -0.62
CA SER C 22 -28.86 1.32 -1.66
C SER C 22 -29.22 0.24 -2.69
N GLN C 23 -29.74 0.68 -3.84
CA GLN C 23 -30.00 -0.22 -4.97
C GLN C 23 -28.71 -0.87 -5.49
N ALA C 24 -27.58 -0.19 -5.31
CA ALA C 24 -26.27 -0.78 -5.60
C ALA C 24 -25.92 -1.91 -4.65
N GLY C 25 -26.50 -1.90 -3.44
CA GLY C 25 -26.35 -2.99 -2.46
C GLY C 25 -25.24 -2.75 -1.45
N ASN C 26 -24.83 -3.84 -0.79
CA ASN C 26 -23.68 -3.83 0.13
C ASN C 26 -23.83 -2.97 1.42
N CYS C 27 -25.06 -2.73 1.87
CA CYS C 27 -25.28 -2.15 3.21
C CYS C 27 -24.84 -3.16 4.25
N ARG C 28 -24.39 -2.69 5.41
CA ARG C 28 -23.78 -3.57 6.40
C ARG C 28 -24.38 -3.39 7.79
N ILE C 29 -24.27 -2.18 8.35
CA ILE C 29 -24.65 -1.97 9.74
C ILE C 29 -25.43 -0.68 9.97
N MET C 30 -26.22 -0.69 11.04
CA MET C 30 -27.01 0.44 11.48
C MET C 30 -26.60 0.82 12.89
N ALA C 31 -26.74 2.11 13.19
CA ALA C 31 -26.70 2.62 14.56
C ALA C 31 -27.77 3.70 14.72
N TYR C 32 -28.24 3.88 15.94
CA TYR C 32 -29.29 4.85 16.21
C TYR C 32 -28.77 5.90 17.18
N CYS C 33 -29.00 7.16 16.85
CA CYS C 33 -28.75 8.24 17.77
C CYS C 33 -30.10 8.66 18.33
N ASP C 34 -30.32 8.35 19.60
CA ASP C 34 -31.57 8.63 20.27
C ASP C 34 -31.80 10.13 20.38
N ALA C 35 -30.73 10.88 20.66
CA ALA C 35 -30.83 12.32 20.90
C ALA C 35 -31.29 13.10 19.68
N LEU C 36 -30.80 12.71 18.51
CA LEU C 36 -31.16 13.36 17.26
C LEU C 36 -32.21 12.57 16.46
N SER C 37 -32.85 11.61 17.12
CA SER C 37 -33.82 10.73 16.46
C SER C 37 -33.43 10.40 15.01
N CYS C 38 -32.25 9.78 14.87
CA CYS C 38 -31.63 9.57 13.57
C CYS C 38 -30.99 8.18 13.45
N LEU C 39 -31.50 7.39 12.53
CA LEU C 39 -30.91 6.08 12.20
C LEU C 39 -29.85 6.30 11.13
N VAL C 40 -28.68 5.69 11.30
CA VAL C 40 -27.64 5.74 10.28
C VAL C 40 -27.30 4.33 9.80
N ILE C 41 -27.30 4.18 8.48
CA ILE C 41 -27.12 2.88 7.79
C ILE C 41 -25.86 2.99 6.95
N SER C 42 -24.90 2.09 7.13
CA SER C 42 -23.71 2.09 6.28
C SER C 42 -24.08 1.64 4.86
N GLN C 43 -23.46 2.27 3.85
CA GLN C 43 -23.72 1.96 2.45
C GLN C 43 -22.55 2.47 1.64
N PRO C 44 -22.30 1.89 0.46
CA PRO C 44 -21.33 2.53 -0.45
C PRO C 44 -21.94 3.77 -1.13
N SER C 45 -21.10 4.67 -1.63
CA SER C 45 -21.61 5.88 -2.30
C SER C 45 -22.43 5.47 -3.53
N PRO C 46 -23.63 6.07 -3.72
CA PRO C 46 -24.59 5.68 -4.77
C PRO C 46 -23.97 5.38 -6.14
N PRO C 52 -15.40 4.10 -5.16
CA PRO C 52 -14.60 3.43 -4.13
C PRO C 52 -14.76 4.12 -2.76
N GLY C 53 -15.99 4.34 -2.32
CA GLY C 53 -16.28 5.05 -1.08
C GLY C 53 -17.39 4.44 -0.24
N PHE C 54 -17.34 4.73 1.05
CA PHE C 54 -18.30 4.21 2.03
C PHE C 54 -18.65 5.25 3.10
N GLY C 55 -19.90 5.18 3.55
CA GLY C 55 -20.40 6.08 4.58
C GLY C 55 -21.79 5.67 4.99
N VAL C 56 -22.59 6.64 5.42
CA VAL C 56 -23.91 6.34 5.94
C VAL C 56 -24.97 7.24 5.34
N LYS C 57 -26.15 6.67 5.14
CA LYS C 57 -27.34 7.48 4.91
C LYS C 57 -27.99 7.75 6.26
N MET C 58 -28.25 9.03 6.54
CA MET C 58 -29.03 9.42 7.72
C MET C 58 -30.52 9.32 7.43
N LEU C 59 -31.19 8.36 8.06
CA LEU C 59 -32.64 8.30 8.03
C LEU C 59 -33.16 8.98 9.28
N SER C 60 -33.79 10.14 9.11
CA SER C 60 -34.50 10.75 10.23
C SER C 60 -35.70 9.87 10.51
N THR C 61 -36.04 9.69 11.79
CA THR C 61 -37.22 8.93 12.19
C THR C 61 -38.38 9.84 12.63
N ALA C 62 -38.24 11.15 12.40
CA ALA C 62 -39.35 12.10 12.50
C ALA C 62 -39.90 12.35 11.10
N ASN C 63 -39.03 12.75 10.18
CA ASN C 63 -39.40 12.86 8.76
C ASN C 63 -39.70 11.49 8.16
N MET C 64 -39.02 10.45 8.66
CA MET C 64 -39.17 9.06 8.20
C MET C 64 -38.94 8.94 6.69
N LYS C 65 -38.01 9.76 6.19
CA LYS C 65 -37.59 9.73 4.80
C LYS C 65 -36.07 9.93 4.79
N SER C 66 -35.41 9.35 3.79
CA SER C 66 -33.95 9.42 3.68
C SER C 66 -33.44 10.86 3.68
N SER C 67 -32.18 11.03 4.04
CA SER C 67 -31.52 12.34 4.03
C SER C 67 -30.15 12.20 3.36
N GLN C 68 -29.27 13.17 3.60
CA GLN C 68 -28.00 13.25 2.86
C GLN C 68 -27.11 12.04 3.13
N TYR C 69 -26.49 11.50 2.07
CA TYR C 69 -25.44 10.51 2.23
C TYR C 69 -24.16 11.21 2.66
N ILE C 70 -23.55 10.71 3.74
CA ILE C 70 -22.32 11.31 4.26
C ILE C 70 -21.15 10.40 3.90
N PRO C 71 -20.19 10.92 3.12
CA PRO C 71 -19.03 10.14 2.73
C PRO C 71 -18.04 10.08 3.88
N MET C 72 -17.46 8.90 4.10
CA MET C 72 -16.65 8.71 5.30
C MET C 72 -15.38 7.92 5.12
N HIS C 73 -15.44 6.79 4.43
CA HIS C 73 -14.30 5.87 4.37
C HIS C 73 -14.01 5.46 2.93
N GLY C 74 -12.83 4.89 2.72
CA GLY C 74 -12.42 4.39 1.39
C GLY C 74 -12.64 2.91 1.18
N LYS C 75 -13.04 2.19 2.24
CA LYS C 75 -13.30 0.76 2.21
C LYS C 75 -14.52 0.47 3.09
N GLN C 76 -14.90 -0.80 3.21
CA GLN C 76 -16.11 -1.17 3.93
C GLN C 76 -16.12 -0.72 5.41
N ILE C 77 -17.28 -0.26 5.87
CA ILE C 77 -17.45 0.13 7.27
C ILE C 77 -17.72 -1.13 8.11
N ARG C 78 -16.92 -1.36 9.15
N ARG C 78 -16.92 -1.34 9.15
CA ARG C 78 -17.08 -2.53 10.01
CA ARG C 78 -17.01 -2.51 10.03
C ARG C 78 -17.66 -2.23 11.41
C ARG C 78 -17.66 -2.22 11.40
N GLY C 79 -17.81 -0.95 11.76
CA GLY C 79 -18.33 -0.58 13.08
C GLY C 79 -18.95 0.80 13.08
N LEU C 80 -20.10 0.92 13.73
CA LEU C 80 -20.82 2.19 13.89
C LEU C 80 -21.38 2.26 15.32
N ALA C 81 -21.11 3.35 16.04
CA ALA C 81 -21.63 3.49 17.41
C ALA C 81 -21.72 4.95 17.85
N PHE C 82 -22.78 5.30 18.57
CA PHE C 82 -22.93 6.62 19.16
C PHE C 82 -22.66 6.52 20.66
N SER C 83 -22.14 7.57 21.28
N SER C 83 -22.17 7.59 21.27
CA SER C 83 -22.11 7.64 22.76
CA SER C 83 -22.06 7.70 22.73
C SER C 83 -23.16 8.59 23.26
C SER C 83 -23.14 8.62 23.27
N SER C 84 -23.73 8.30 24.43
CA SER C 84 -24.65 9.26 25.08
C SER C 84 -23.86 10.46 25.61
N TYR C 85 -22.55 10.26 25.86
CA TYR C 85 -21.76 11.37 26.39
C TYR C 85 -21.54 12.50 25.41
N LEU C 86 -21.37 12.19 24.13
CA LEU C 86 -21.11 13.23 23.11
C LEU C 86 -22.21 13.20 22.04
N ARG C 87 -23.17 14.13 22.15
N ARG C 87 -23.15 14.14 22.16
CA ARG C 87 -24.38 14.08 21.33
CA ARG C 87 -24.35 14.20 21.30
C ARG C 87 -24.12 14.10 19.82
C ARG C 87 -24.08 14.11 19.79
N GLY C 88 -24.58 13.04 19.16
CA GLY C 88 -24.46 12.90 17.72
C GLY C 88 -23.07 12.61 17.19
N LEU C 89 -22.14 12.21 18.05
CA LEU C 89 -20.77 11.98 17.62
C LEU C 89 -20.63 10.50 17.27
N LEU C 90 -20.59 10.23 15.97
CA LEU C 90 -20.62 8.86 15.46
C LEU C 90 -19.21 8.30 15.39
N LEU C 91 -18.97 7.19 16.10
CA LEU C 91 -17.73 6.45 16.00
C LEU C 91 -17.84 5.41 14.87
N SER C 92 -16.77 5.30 14.09
CA SER C 92 -16.72 4.33 13.01
C SER C 92 -15.36 3.67 12.94
N ALA C 93 -15.36 2.43 12.44
CA ALA C 93 -14.16 1.70 12.13
C ALA C 93 -14.30 1.24 10.67
N SER C 94 -13.18 1.16 9.96
CA SER C 94 -13.23 0.72 8.56
C SER C 94 -12.02 -0.09 8.16
N LEU C 95 -12.21 -0.86 7.09
CA LEU C 95 -11.13 -1.62 6.50
C LEU C 95 -10.11 -0.70 5.81
N ASP C 96 -10.49 0.57 5.58
CA ASP C 96 -9.54 1.56 5.05
C ASP C 96 -8.45 1.99 6.04
N ASN C 97 -8.42 1.36 7.22
CA ASN C 97 -7.40 1.62 8.27
C ASN C 97 -7.79 2.68 9.33
N THR C 98 -8.92 3.36 9.14
CA THR C 98 -9.26 4.49 10.00
C THR C 98 -10.32 4.19 11.09
N ILE C 99 -10.20 4.93 12.20
CA ILE C 99 -11.25 5.10 13.21
C ILE C 99 -11.60 6.59 13.14
N LYS C 100 -12.82 6.89 12.72
CA LYS C 100 -13.25 8.27 12.59
C LYS C 100 -14.32 8.64 13.66
N LEU C 101 -14.37 9.93 13.97
CA LEU C 101 -15.54 10.54 14.61
C LEU C 101 -16.20 11.50 13.63
N THR C 102 -17.49 11.33 13.41
CA THR C 102 -18.23 12.16 12.50
C THR C 102 -19.43 12.77 13.21
N SER C 103 -19.53 14.10 13.18
CA SER C 103 -20.63 14.76 13.87
C SER C 103 -21.84 14.85 12.96
N LEU C 104 -22.98 14.40 13.47
CA LEU C 104 -24.26 14.59 12.77
C LEU C 104 -24.78 16.02 12.91
N GLU C 105 -24.20 16.79 13.83
CA GLU C 105 -24.54 18.20 13.98
C GLU C 105 -24.20 18.92 12.68
N THR C 106 -22.94 18.81 12.26
CA THR C 106 -22.43 19.50 11.06
C THR C 106 -22.23 18.57 9.85
N ASN C 107 -22.63 17.30 9.97
CA ASN C 107 -22.40 16.29 8.93
C ASN C 107 -20.95 16.29 8.45
N THR C 108 -20.04 16.40 9.40
CA THR C 108 -18.62 16.60 9.12
C THR C 108 -17.80 15.56 9.84
N VAL C 109 -16.77 15.06 9.18
CA VAL C 109 -15.77 14.23 9.85
C VAL C 109 -14.84 15.17 10.65
N VAL C 110 -14.76 14.95 11.97
CA VAL C 110 -14.02 15.85 12.87
C VAL C 110 -12.77 15.27 13.49
N GLN C 111 -12.58 13.95 13.39
CA GLN C 111 -11.39 13.33 13.93
C GLN C 111 -11.14 12.02 13.22
N THR C 112 -9.88 11.77 12.89
CA THR C 112 -9.48 10.55 12.19
C THR C 112 -8.24 10.04 12.89
N TYR C 113 -8.32 8.82 13.41
CA TYR C 113 -7.16 8.11 13.92
C TYR C 113 -6.70 7.12 12.83
N ASN C 114 -5.38 7.01 12.64
CA ASN C 114 -4.79 6.05 11.71
C ASN C 114 -4.13 4.94 12.54
N ALA C 115 -4.82 3.82 12.69
CA ALA C 115 -4.25 2.67 13.40
C ALA C 115 -3.17 1.98 12.55
N GLY C 116 -3.25 2.15 11.23
CA GLY C 116 -2.23 1.67 10.28
C GLY C 116 -2.47 0.24 9.81
N ARG C 117 -3.76 -0.14 9.74
CA ARG C 117 -4.17 -1.54 9.77
C ARG C 117 -5.70 -1.59 9.68
N PRO C 118 -6.28 -2.63 9.05
CA PRO C 118 -7.74 -2.59 8.92
C PRO C 118 -8.43 -2.73 10.30
N VAL C 119 -9.50 -1.97 10.50
CA VAL C 119 -10.17 -1.97 11.79
C VAL C 119 -11.44 -2.75 11.58
N TRP C 120 -11.53 -3.88 12.27
CA TRP C 120 -12.64 -4.81 12.13
C TRP C 120 -13.77 -4.56 13.16
N SER C 121 -13.50 -3.78 14.21
CA SER C 121 -14.54 -3.46 15.21
C SER C 121 -14.29 -2.17 16.01
N CYS C 122 -15.35 -1.62 16.62
CA CYS C 122 -15.19 -0.46 17.48
C CYS C 122 -16.32 -0.35 18.50
N CYS C 123 -16.04 0.28 19.64
CA CYS C 123 -17.13 0.65 20.56
C CYS C 123 -16.71 1.76 21.51
N TRP C 124 -17.70 2.35 22.19
CA TRP C 124 -17.44 3.37 23.21
C TRP C 124 -17.35 2.79 24.62
N CYS C 125 -16.62 3.47 25.51
CA CYS C 125 -16.67 3.14 26.92
C CYS C 125 -18.02 3.66 27.46
N LEU C 126 -18.71 2.87 28.29
CA LEU C 126 -19.97 3.33 28.93
C LEU C 126 -19.76 3.69 30.40
N ASP C 127 -18.52 3.52 30.87
CA ASP C 127 -18.17 3.93 32.23
C ASP C 127 -17.73 5.41 32.15
N GLU C 128 -16.98 5.91 33.14
CA GLU C 128 -16.74 7.36 33.25
C GLU C 128 -15.49 7.86 32.49
N ALA C 129 -15.53 7.69 31.18
CA ALA C 129 -14.46 8.17 30.33
C ALA C 129 -14.96 8.31 28.92
N ASN C 130 -14.35 9.23 28.17
CA ASN C 130 -14.61 9.34 26.74
C ASN C 130 -13.56 8.49 26.02
N TYR C 131 -13.69 7.18 26.19
CA TYR C 131 -12.80 6.17 25.57
C TYR C 131 -13.44 5.46 24.39
N ILE C 132 -12.57 5.14 23.44
CA ILE C 132 -12.90 4.40 22.25
C ILE C 132 -12.06 3.13 22.28
N TYR C 133 -12.69 2.01 21.96
CA TYR C 133 -11.98 0.72 21.74
C TYR C 133 -12.01 0.39 20.26
N ALA C 134 -10.86 0.08 19.67
CA ALA C 134 -10.79 -0.26 18.26
C ALA C 134 -10.17 -1.65 18.09
N GLY C 135 -10.87 -2.52 17.36
CA GLY C 135 -10.39 -3.87 17.12
C GLY C 135 -9.75 -3.98 15.76
N LEU C 136 -8.52 -4.46 15.74
CA LEU C 136 -7.72 -4.45 14.53
C LEU C 136 -7.59 -5.84 13.91
N ALA C 137 -7.18 -5.87 12.64
CA ALA C 137 -6.94 -7.12 11.90
C ALA C 137 -5.92 -8.04 12.57
N ASN C 138 -5.07 -7.50 13.45
CA ASN C 138 -4.05 -8.31 14.12
C ASN C 138 -4.38 -8.75 15.53
N GLY C 139 -5.65 -8.65 15.94
CA GLY C 139 -6.08 -9.14 17.25
C GLY C 139 -5.90 -8.15 18.40
N SER C 140 -5.42 -6.95 18.08
CA SER C 140 -5.20 -5.94 19.09
C SER C 140 -6.46 -5.07 19.24
N ILE C 141 -6.65 -4.60 20.46
CA ILE C 141 -7.59 -3.50 20.79
C ILE C 141 -6.83 -2.20 21.15
N LEU C 142 -7.00 -1.15 20.35
CA LEU C 142 -6.47 0.18 20.69
C LEU C 142 -7.53 0.94 21.50
N VAL C 143 -7.10 1.56 22.60
CA VAL C 143 -7.92 2.39 23.45
C VAL C 143 -7.53 3.86 23.23
N TYR C 144 -8.40 4.59 22.56
CA TYR C 144 -8.21 6.01 22.31
C TYR C 144 -8.99 6.83 23.32
N ASP C 145 -8.44 7.99 23.64
CA ASP C 145 -9.05 8.93 24.58
C ASP C 145 -9.33 10.13 23.71
N VAL C 146 -10.59 10.57 23.67
CA VAL C 146 -10.97 11.68 22.81
C VAL C 146 -10.14 12.93 23.18
N ARG C 147 -9.67 13.02 24.43
CA ARG C 147 -8.77 14.10 24.89
C ARG C 147 -7.36 14.05 24.27
N ASN C 148 -7.03 12.94 23.59
CA ASN C 148 -5.78 12.79 22.83
C ASN C 148 -6.06 12.52 21.35
N THR C 149 -5.77 13.48 20.49
CA THR C 149 -6.10 13.35 19.09
C THR C 149 -4.96 12.75 18.26
N SER C 150 -3.84 12.45 18.92
CA SER C 150 -2.61 12.04 18.25
C SER C 150 -2.42 10.53 18.16
N SER C 151 -2.43 9.86 19.32
CA SER C 151 -2.24 8.41 19.38
C SER C 151 -3.23 7.76 20.34
N HIS C 152 -3.35 6.43 20.23
CA HIS C 152 -4.03 5.64 21.26
C HIS C 152 -3.27 5.77 22.55
N VAL C 153 -3.95 5.51 23.67
CA VAL C 153 -3.36 5.59 25.02
C VAL C 153 -3.12 4.23 25.70
N GLN C 154 -3.76 3.18 25.21
CA GLN C 154 -3.48 1.79 25.65
C GLN C 154 -3.56 0.88 24.44
N GLU C 155 -2.86 -0.24 24.53
CA GLU C 155 -3.04 -1.34 23.58
C GLU C 155 -3.30 -2.58 24.41
N LEU C 156 -4.43 -3.23 24.13
CA LEU C 156 -4.77 -4.47 24.80
C LEU C 156 -4.43 -5.55 23.76
N VAL C 157 -3.31 -6.25 23.99
N VAL C 157 -3.31 -6.23 23.96
CA VAL C 157 -2.73 -7.14 22.99
CA VAL C 157 -2.76 -7.12 22.93
C VAL C 157 -3.48 -8.46 22.89
C VAL C 157 -3.48 -8.45 22.88
N ALA C 158 -3.49 -9.06 21.69
CA ALA C 158 -4.10 -10.39 21.48
C ALA C 158 -3.57 -11.41 22.49
N GLN C 159 -4.48 -12.16 23.12
CA GLN C 159 -4.13 -13.10 24.17
C GLN C 159 -3.90 -14.54 23.66
N LYS C 160 -3.99 -14.75 22.35
CA LYS C 160 -3.81 -16.08 21.77
C LYS C 160 -3.29 -16.07 20.33
N ALA C 161 -3.95 -15.35 19.43
CA ALA C 161 -3.65 -15.45 18.00
C ALA C 161 -3.75 -14.11 17.26
N ARG C 162 -2.76 -13.87 16.40
CA ARG C 162 -2.80 -12.74 15.49
C ARG C 162 -3.96 -12.98 14.52
N CYS C 163 -5.08 -12.34 14.81
CA CYS C 163 -6.36 -12.76 14.28
C CYS C 163 -7.37 -11.59 14.39
N PRO C 164 -8.09 -11.24 13.30
CA PRO C 164 -8.98 -10.07 13.39
C PRO C 164 -9.86 -10.02 14.66
N LEU C 165 -9.79 -8.90 15.38
CA LEU C 165 -10.64 -8.69 16.56
C LEU C 165 -11.93 -8.05 16.04
N VAL C 166 -12.95 -8.90 15.94
CA VAL C 166 -14.13 -8.62 15.13
C VAL C 166 -15.33 -8.18 15.96
N SER C 167 -15.27 -8.30 17.28
CA SER C 167 -16.39 -7.84 18.11
C SER C 167 -15.95 -7.17 19.39
N LEU C 168 -16.59 -6.06 19.70
CA LEU C 168 -16.33 -5.31 20.90
C LEU C 168 -17.68 -4.83 21.44
N SER C 169 -17.97 -5.16 22.69
CA SER C 169 -19.20 -4.72 23.33
C SER C 169 -18.95 -4.36 24.78
N TYR C 170 -19.31 -3.15 25.15
CA TYR C 170 -19.08 -2.66 26.49
C TYR C 170 -20.22 -3.03 27.47
N MET C 171 -19.82 -3.53 28.64
CA MET C 171 -20.72 -3.80 29.76
C MET C 171 -20.43 -2.75 30.83
N PRO C 172 -21.40 -1.87 31.13
CA PRO C 172 -21.07 -0.82 32.11
C PRO C 172 -21.05 -1.41 33.52
N ARG C 173 -20.34 -0.74 34.43
CA ARG C 173 -20.31 -1.19 35.82
C ARG C 173 -21.70 -0.95 36.41
N ALA C 174 -22.06 -1.71 37.45
CA ALA C 174 -23.38 -1.58 38.07
C ALA C 174 -23.42 -2.11 39.51
N ALA C 175 -24.50 -1.79 40.22
CA ALA C 175 -24.66 -2.16 41.63
C ALA C 175 -24.94 -3.66 41.88
N SER C 176 -25.22 -4.42 40.83
CA SER C 176 -25.61 -5.83 40.95
C SER C 176 -24.54 -6.70 41.61
N ALA C 177 -24.97 -7.54 42.55
CA ALA C 177 -24.05 -8.47 43.19
C ALA C 177 -23.63 -9.55 42.19
N ALA C 178 -24.55 -9.97 41.32
CA ALA C 178 -24.27 -11.04 40.36
C ALA C 178 -23.05 -10.69 39.50
N PHE C 179 -22.97 -9.43 39.06
CA PHE C 179 -21.83 -8.97 38.28
C PHE C 179 -21.71 -7.43 38.27
N PRO C 180 -20.89 -6.90 39.19
CA PRO C 180 -20.78 -5.45 39.32
C PRO C 180 -19.77 -4.80 38.40
N TYR C 181 -18.92 -5.58 37.75
CA TYR C 181 -17.77 -5.05 37.02
C TYR C 181 -18.17 -4.50 35.66
N GLY C 182 -17.38 -3.53 35.20
CA GLY C 182 -17.62 -2.89 33.92
C GLY C 182 -16.39 -3.16 33.10
N GLY C 183 -16.54 -3.18 31.79
CA GLY C 183 -15.44 -3.47 30.89
C GLY C 183 -15.89 -3.86 29.51
N VAL C 184 -14.94 -4.24 28.64
CA VAL C 184 -15.27 -4.53 27.26
C VAL C 184 -15.16 -6.03 26.93
N LEU C 185 -16.24 -6.57 26.37
CA LEU C 185 -16.24 -7.92 25.83
C LEU C 185 -15.60 -7.88 24.45
N ALA C 186 -14.70 -8.81 24.18
CA ALA C 186 -13.88 -8.76 22.97
C ALA C 186 -13.79 -10.13 22.35
N GLY C 187 -13.97 -10.20 21.05
CA GLY C 187 -13.91 -11.47 20.31
C GLY C 187 -13.05 -11.39 19.07
N THR C 188 -12.05 -12.27 18.99
CA THR C 188 -11.37 -12.52 17.73
C THR C 188 -12.04 -13.72 17.04
N LEU C 189 -11.59 -14.03 15.83
CA LEU C 189 -12.12 -15.20 15.11
C LEU C 189 -11.82 -16.51 15.83
N GLU C 190 -10.89 -16.50 16.79
CA GLU C 190 -10.53 -17.72 17.50
C GLU C 190 -10.55 -17.64 19.02
N ASP C 191 -10.82 -16.47 19.61
CA ASP C 191 -10.76 -16.33 21.07
C ASP C 191 -11.71 -15.25 21.62
N ALA C 192 -12.01 -15.29 22.90
CA ALA C 192 -12.89 -14.29 23.52
C ALA C 192 -12.47 -13.95 24.95
N SER C 193 -12.44 -12.66 25.28
CA SER C 193 -12.06 -12.21 26.64
C SER C 193 -12.97 -11.08 27.12
N PHE C 194 -13.10 -10.94 28.44
CA PHE C 194 -13.69 -9.74 29.05
C PHE C 194 -12.54 -8.91 29.60
N TRP C 195 -12.37 -7.69 29.12
CA TRP C 195 -11.35 -6.79 29.67
C TRP C 195 -11.98 -5.86 30.70
N GLU C 196 -11.80 -6.22 31.96
CA GLU C 196 -12.30 -5.47 33.10
C GLU C 196 -11.61 -4.10 33.14
N GLN C 197 -12.38 -3.02 33.25
CA GLN C 197 -11.78 -1.70 33.44
C GLN C 197 -11.65 -1.47 34.94
N LYS C 198 -10.42 -1.25 35.40
CA LYS C 198 -10.17 -1.02 36.81
C LYS C 198 -10.40 0.46 37.11
N MET C 199 -10.44 0.80 38.39
CA MET C 199 -10.76 2.18 38.80
C MET C 199 -9.71 3.17 38.33
N ASP C 200 -8.48 2.70 38.13
CA ASP C 200 -7.41 3.51 37.55
C ASP C 200 -7.45 3.54 36.02
N PHE C 201 -8.53 3.00 35.44
CA PHE C 201 -8.78 2.96 33.99
C PHE C 201 -7.87 2.04 33.19
N SER C 202 -7.08 1.22 33.89
CA SER C 202 -6.34 0.14 33.24
C SER C 202 -7.34 -0.99 32.97
N HIS C 203 -6.99 -1.84 32.00
CA HIS C 203 -7.83 -2.96 31.62
C HIS C 203 -7.12 -4.29 31.84
N TRP C 204 -7.80 -5.21 32.53
CA TRP C 204 -7.26 -6.52 32.85
C TRP C 204 -8.14 -7.61 32.21
N PRO C 205 -7.52 -8.52 31.43
CA PRO C 205 -8.27 -9.53 30.67
C PRO C 205 -8.71 -10.74 31.48
N HIS C 206 -9.84 -11.31 31.08
CA HIS C 206 -10.33 -12.56 31.63
C HIS C 206 -10.79 -13.42 30.44
N VAL C 207 -10.26 -14.64 30.35
CA VAL C 207 -10.61 -15.52 29.24
C VAL C 207 -12.02 -15.99 29.48
N LEU C 208 -12.83 -16.03 28.42
CA LEU C 208 -14.23 -16.43 28.60
C LEU C 208 -14.38 -17.85 28.11
N PRO C 209 -15.33 -18.61 28.71
CA PRO C 209 -15.48 -20.04 28.40
C PRO C 209 -16.22 -20.33 27.09
N LEU C 210 -15.63 -19.90 25.99
CA LEU C 210 -16.08 -20.33 24.69
C LEU C 210 -14.92 -20.34 23.72
N GLU C 211 -15.09 -21.09 22.66
CA GLU C 211 -14.02 -21.34 21.70
C GLU C 211 -14.57 -20.99 20.33
N PRO C 212 -14.33 -19.74 19.87
CA PRO C 212 -14.75 -19.31 18.55
C PRO C 212 -14.00 -20.00 17.42
N GLY C 213 -14.69 -20.21 16.30
CA GLY C 213 -14.13 -20.87 15.13
C GLY C 213 -14.50 -20.16 13.84
N GLY C 214 -14.12 -18.90 13.71
CA GLY C 214 -14.32 -18.15 12.46
C GLY C 214 -15.18 -16.89 12.51
N CYS C 215 -15.93 -16.69 13.58
CA CYS C 215 -16.79 -15.50 13.70
C CYS C 215 -17.41 -15.43 15.09
N ILE C 216 -17.63 -14.21 15.57
CA ILE C 216 -18.19 -13.99 16.89
C ILE C 216 -18.74 -12.56 16.95
N ASP C 217 -19.90 -12.40 17.60
CA ASP C 217 -20.58 -11.11 17.72
C ASP C 217 -21.10 -11.06 19.15
N PHE C 218 -20.67 -10.04 19.90
CA PHE C 218 -21.17 -9.76 21.24
C PHE C 218 -22.18 -8.61 21.20
N GLN C 219 -23.28 -8.77 21.93
CA GLN C 219 -24.25 -7.70 22.18
C GLN C 219 -24.56 -7.69 23.66
N THR C 220 -24.58 -6.51 24.27
N THR C 220 -24.60 -6.51 24.27
CA THR C 220 -24.83 -6.37 25.71
CA THR C 220 -24.86 -6.42 25.71
C THR C 220 -26.23 -5.80 25.98
C THR C 220 -26.18 -5.74 26.02
N GLU C 221 -26.86 -6.24 27.05
CA GLU C 221 -28.08 -5.62 27.53
C GLU C 221 -27.78 -5.13 28.95
N ASN C 222 -27.70 -3.82 29.09
CA ASN C 222 -27.14 -3.14 30.27
C ASN C 222 -27.89 -3.45 31.59
N SER C 223 -29.20 -3.29 31.57
CA SER C 223 -30.04 -3.47 32.76
C SER C 223 -29.88 -4.86 33.41
N SER C 224 -29.93 -5.90 32.58
CA SER C 224 -29.97 -7.28 33.07
C SER C 224 -28.60 -7.95 33.37
N ARG C 225 -27.49 -7.32 32.97
CA ARG C 225 -26.15 -7.94 33.11
C ARG C 225 -25.99 -9.22 32.27
N HIS C 226 -26.73 -9.29 31.16
CA HIS C 226 -26.58 -10.41 30.22
C HIS C 226 -25.88 -9.93 28.96
N CYS C 227 -25.22 -10.84 28.26
CA CYS C 227 -24.81 -10.56 26.89
C CYS C 227 -25.33 -11.65 25.95
N LEU C 228 -25.44 -11.30 24.68
CA LEU C 228 -25.75 -12.26 23.64
C LEU C 228 -24.48 -12.47 22.82
N VAL C 229 -24.01 -13.71 22.76
CA VAL C 229 -22.83 -14.06 22.01
C VAL C 229 -23.25 -14.97 20.86
N THR C 230 -23.07 -14.48 19.65
CA THR C 230 -23.44 -15.24 18.46
C THR C 230 -22.15 -15.63 17.75
N TYR C 231 -21.92 -16.93 17.60
CA TYR C 231 -20.63 -17.40 17.11
C TYR C 231 -20.69 -18.80 16.50
N ARG C 232 -19.68 -19.11 15.70
CA ARG C 232 -19.44 -20.48 15.25
C ARG C 232 -18.43 -21.14 16.17
N PRO C 233 -18.77 -22.29 16.78
CA PRO C 233 -17.77 -22.97 17.61
C PRO C 233 -16.58 -23.50 16.79
N ASP C 234 -15.46 -23.71 17.47
CA ASP C 234 -14.26 -24.30 16.86
C ASP C 234 -14.44 -25.82 16.84
N LYS C 235 -15.10 -26.29 15.78
CA LYS C 235 -15.46 -27.71 15.61
C LYS C 235 -15.49 -27.97 14.13
N ASN C 236 -15.30 -29.23 13.76
CA ASN C 236 -15.25 -29.61 12.35
C ASN C 236 -16.59 -29.40 11.64
N HIS C 237 -17.64 -29.96 12.21
CA HIS C 237 -18.98 -29.79 11.65
C HIS C 237 -19.83 -29.13 12.71
N THR C 238 -20.18 -27.87 12.51
CA THR C 238 -20.99 -27.17 13.48
C THR C 238 -21.87 -26.13 12.79
N THR C 239 -22.55 -25.33 13.60
CA THR C 239 -23.38 -24.27 13.07
C THR C 239 -23.28 -23.06 13.99
N ILE C 240 -23.81 -21.94 13.55
CA ILE C 240 -23.80 -20.71 14.36
C ILE C 240 -24.82 -20.89 15.46
N ARG C 241 -24.47 -20.49 16.67
CA ARG C 241 -25.44 -20.41 17.76
C ARG C 241 -25.40 -18.99 18.35
N SER C 242 -26.56 -18.51 18.81
CA SER C 242 -26.68 -17.27 19.57
C SER C 242 -26.95 -17.71 21.00
N VAL C 243 -26.08 -17.31 21.94
CA VAL C 243 -26.17 -17.77 23.30
C VAL C 243 -26.37 -16.60 24.24
N LEU C 244 -27.46 -16.65 24.99
CA LEU C 244 -27.73 -15.66 26.02
C LEU C 244 -26.95 -16.07 27.24
N MET C 245 -26.01 -15.22 27.63
CA MET C 245 -25.05 -15.48 28.72
C MET C 245 -25.34 -14.61 29.90
N GLU C 246 -25.24 -15.18 31.10
CA GLU C 246 -25.23 -14.40 32.32
C GLU C 246 -23.78 -14.26 32.74
N MET C 247 -23.36 -13.04 33.02
CA MET C 247 -21.99 -12.79 33.47
C MET C 247 -21.85 -13.23 34.93
N SER C 248 -20.67 -13.71 35.28
CA SER C 248 -20.38 -14.17 36.63
C SER C 248 -18.92 -13.95 36.97
N TYR C 249 -18.58 -14.16 38.23
CA TYR C 249 -17.18 -14.10 38.65
C TYR C 249 -17.00 -14.86 39.96
N ARG C 250 -15.76 -15.23 40.25
CA ARG C 250 -15.40 -15.70 41.59
C ARG C 250 -14.08 -15.02 41.98
N LEU C 251 -13.70 -15.14 43.25
CA LEU C 251 -12.50 -14.45 43.77
C LEU C 251 -11.30 -15.38 43.86
N ASP C 252 -10.14 -14.86 43.45
CA ASP C 252 -8.91 -15.63 43.38
C ASP C 252 -8.14 -15.53 44.72
N ASP C 253 -6.84 -15.84 44.69
CA ASP C 253 -5.96 -15.84 45.87
C ASP C 253 -5.40 -14.46 46.24
N THR C 254 -5.49 -13.51 45.33
CA THR C 254 -5.15 -12.11 45.62
C THR C 254 -6.42 -11.25 45.81
N GLY C 255 -7.59 -11.87 45.96
CA GLY C 255 -8.85 -11.14 46.16
C GLY C 255 -9.41 -10.38 44.95
N ASN C 256 -8.86 -10.63 43.77
CA ASN C 256 -9.33 -10.01 42.52
C ASN C 256 -10.29 -10.94 41.79
N PRO C 257 -11.25 -10.37 41.04
CA PRO C 257 -12.26 -11.22 40.43
C PRO C 257 -11.72 -12.07 39.30
N ILE C 258 -12.26 -13.27 39.16
CA ILE C 258 -12.10 -14.09 37.97
C ILE C 258 -13.46 -14.04 37.27
N CYS C 259 -13.54 -13.32 36.16
CA CYS C 259 -14.81 -13.07 35.48
C CYS C 259 -15.08 -14.18 34.48
N SER C 260 -16.35 -14.51 34.32
CA SER C 260 -16.75 -15.57 33.43
C SER C 260 -18.18 -15.34 32.97
N CYS C 261 -18.75 -16.35 32.31
CA CYS C 261 -20.14 -16.31 31.95
C CYS C 261 -20.61 -17.74 31.72
N GLN C 262 -21.92 -17.94 31.87
CA GLN C 262 -22.55 -19.25 31.66
C GLN C 262 -23.79 -19.07 30.81
N PRO C 263 -24.10 -20.08 29.98
CA PRO C 263 -25.26 -20.01 29.09
C PRO C 263 -26.57 -20.04 29.85
N VAL C 264 -27.55 -19.31 29.36
CA VAL C 264 -28.91 -19.37 29.83
C VAL C 264 -29.72 -20.08 28.73
N HIS C 265 -29.74 -19.51 27.54
CA HIS C 265 -30.40 -20.12 26.38
C HIS C 265 -29.42 -20.20 25.23
N THR C 266 -29.55 -21.23 24.42
CA THR C 266 -28.80 -21.34 23.18
C THR C 266 -29.82 -21.48 22.03
N PHE C 267 -29.73 -20.56 21.07
CA PHE C 267 -30.61 -20.51 19.91
C PHE C 267 -29.77 -20.85 18.68
N PHE C 268 -30.12 -21.90 17.97
CA PHE C 268 -29.28 -22.36 16.87
C PHE C 268 -29.70 -21.61 15.61
N GLY C 269 -28.72 -21.11 14.87
CA GLY C 269 -28.98 -20.26 13.71
C GLY C 269 -28.49 -20.88 12.40
N GLY C 270 -28.13 -20.01 11.45
CA GLY C 270 -27.68 -20.43 10.13
C GLY C 270 -26.32 -21.09 10.12
N PRO C 271 -26.01 -21.88 9.08
CA PRO C 271 -24.82 -22.73 9.07
C PRO C 271 -23.48 -22.05 8.78
N THR C 272 -23.46 -20.77 8.40
CA THR C 272 -22.21 -20.09 7.97
C THR C 272 -22.02 -18.70 8.59
N CYS C 273 -20.76 -18.23 8.55
CA CYS C 273 -20.31 -16.97 9.17
C CYS C 273 -20.45 -15.77 8.28
N LYS C 274 -20.16 -15.93 6.99
CA LYS C 274 -20.27 -14.84 6.02
C LYS C 274 -21.52 -14.00 6.27
N LEU C 275 -22.61 -14.69 6.63
CA LEU C 275 -23.90 -14.06 6.95
C LEU C 275 -24.15 -13.87 8.45
N LEU C 276 -23.10 -13.61 9.23
CA LEU C 276 -23.25 -13.40 10.68
C LEU C 276 -24.00 -12.11 10.95
N THR C 277 -25.20 -12.23 11.51
CA THR C 277 -26.05 -11.08 11.82
C THR C 277 -25.52 -10.40 13.06
N LYS C 278 -25.28 -9.10 12.96
CA LYS C 278 -25.09 -8.29 14.17
C LYS C 278 -26.45 -8.25 14.85
N ASN C 279 -26.64 -9.11 15.84
CA ASN C 279 -27.96 -9.35 16.41
C ASN C 279 -28.34 -8.28 17.42
N ALA C 280 -29.41 -8.52 18.16
CA ALA C 280 -29.90 -7.55 19.07
C ALA C 280 -30.43 -8.21 20.31
N ILE C 281 -30.16 -7.56 21.43
CA ILE C 281 -30.78 -7.89 22.71
C ILE C 281 -31.17 -6.58 23.39
N PHE C 282 -32.42 -6.49 23.84
CA PHE C 282 -32.94 -5.23 24.37
C PHE C 282 -34.20 -5.42 25.21
N GLN C 283 -34.50 -4.42 26.04
CA GLN C 283 -35.70 -4.44 26.89
C GLN C 283 -36.98 -4.43 26.04
N SER C 284 -37.97 -5.19 26.48
CA SER C 284 -39.28 -5.15 25.84
C SER C 284 -39.87 -3.75 25.97
N PRO C 285 -40.47 -3.23 24.89
CA PRO C 285 -41.22 -1.97 24.95
C PRO C 285 -42.21 -1.87 26.12
N GLU C 286 -42.81 -2.99 26.50
CA GLU C 286 -43.76 -3.02 27.62
C GLU C 286 -43.21 -2.41 28.91
N ASN C 287 -41.90 -2.31 29.04
CA ASN C 287 -41.26 -1.71 30.21
C ASN C 287 -41.50 -2.56 31.45
N ASP C 288 -41.68 -3.86 31.23
CA ASP C 288 -42.07 -4.81 32.28
C ASP C 288 -40.89 -5.62 32.82
N GLY C 289 -39.68 -5.37 32.31
CA GLY C 289 -38.52 -6.15 32.68
C GLY C 289 -38.20 -7.30 31.74
N ASN C 290 -39.10 -7.62 30.81
CA ASN C 290 -38.83 -8.62 29.79
C ASN C 290 -37.76 -8.12 28.80
N ILE C 291 -36.85 -9.01 28.43
CA ILE C 291 -35.83 -8.74 27.41
C ILE C 291 -36.16 -9.55 26.17
N LEU C 292 -35.93 -8.95 25.00
CA LEU C 292 -36.12 -9.62 23.72
C LEU C 292 -34.77 -9.89 23.07
N VAL C 293 -34.65 -11.09 22.51
CA VAL C 293 -33.48 -11.48 21.79
C VAL C 293 -33.89 -11.61 20.34
N CYS C 294 -33.21 -10.90 19.47
CA CYS C 294 -33.56 -10.92 18.08
C CYS C 294 -32.40 -11.52 17.33
N THR C 295 -32.63 -12.62 16.63
CA THR C 295 -31.57 -13.30 15.89
C THR C 295 -31.91 -13.50 14.40
N GLY C 296 -30.98 -13.11 13.53
CA GLY C 296 -31.04 -13.52 12.13
C GLY C 296 -30.99 -15.04 12.03
N ASP C 297 -31.70 -15.59 11.05
CA ASP C 297 -31.70 -17.02 10.81
C ASP C 297 -31.61 -17.28 9.31
N ALA C 300 -33.29 -19.61 6.30
CA ALA C 300 -34.38 -18.72 5.93
C ALA C 300 -33.90 -17.30 5.62
N ASN C 301 -34.86 -16.44 5.26
CA ASN C 301 -34.65 -14.99 5.13
C ASN C 301 -35.53 -14.32 6.16
N SER C 302 -35.07 -14.38 7.41
CA SER C 302 -35.96 -14.16 8.53
C SER C 302 -35.23 -13.52 9.71
N ALA C 303 -35.98 -12.87 10.59
CA ALA C 303 -35.47 -12.46 11.87
C ALA C 303 -36.40 -13.01 12.92
N LEU C 304 -35.82 -13.75 13.86
CA LEU C 304 -36.59 -14.38 14.92
C LEU C 304 -36.47 -13.55 16.18
N LEU C 305 -37.61 -13.31 16.82
N LEU C 305 -37.61 -13.32 16.82
CA LEU C 305 -37.66 -12.65 18.11
CA LEU C 305 -37.65 -12.63 18.10
C LEU C 305 -38.00 -13.67 19.18
C LEU C 305 -38.00 -13.65 19.18
N TRP C 306 -37.16 -13.74 20.21
CA TRP C 306 -37.35 -14.65 21.32
C TRP C 306 -37.59 -13.90 22.62
N ASP C 307 -38.38 -14.51 23.50
CA ASP C 307 -38.53 -14.07 24.89
C ASP C 307 -37.36 -14.62 25.75
N ALA C 308 -36.57 -13.73 26.33
CA ALA C 308 -35.38 -14.12 27.10
C ALA C 308 -35.69 -14.90 28.38
N ALA C 309 -36.86 -14.65 28.97
CA ALA C 309 -37.20 -15.31 30.23
C ALA C 309 -37.47 -16.80 29.96
N SER C 310 -38.38 -17.07 29.02
CA SER C 310 -38.82 -18.45 28.73
C SER C 310 -37.96 -19.20 27.71
N GLY C 311 -37.31 -18.45 26.82
CA GLY C 311 -36.54 -19.05 25.74
C GLY C 311 -37.42 -19.53 24.59
N SER C 312 -38.68 -19.14 24.59
CA SER C 312 -39.61 -19.50 23.51
C SER C 312 -39.68 -18.36 22.51
N LEU C 313 -40.11 -18.70 21.30
CA LEU C 313 -40.21 -17.76 20.19
C LEU C 313 -41.42 -16.85 20.35
N LEU C 314 -41.26 -15.59 19.97
CA LEU C 314 -42.36 -14.64 19.99
C LEU C 314 -42.87 -14.33 18.60
N GLN C 315 -41.95 -14.12 17.66
CA GLN C 315 -42.29 -13.75 16.29
C GLN C 315 -41.24 -14.22 15.31
N ASP C 316 -41.68 -14.44 14.08
CA ASP C 316 -40.81 -14.61 12.94
C ASP C 316 -41.15 -13.43 12.02
N LEU C 317 -40.21 -12.51 11.85
CA LEU C 317 -40.34 -11.38 10.92
C LEU C 317 -39.76 -11.79 9.58
N GLN C 318 -40.62 -11.91 8.57
CA GLN C 318 -40.23 -12.55 7.32
C GLN C 318 -39.98 -11.53 6.23
N THR C 319 -38.81 -11.63 5.58
CA THR C 319 -38.40 -10.68 4.53
C THR C 319 -37.96 -11.43 3.26
N ASP C 320 -37.67 -10.66 2.20
CA ASP C 320 -37.28 -11.21 0.90
C ASP C 320 -35.79 -11.49 0.80
N GLN C 321 -34.99 -10.86 1.65
CA GLN C 321 -33.54 -11.04 1.67
C GLN C 321 -33.04 -11.29 3.09
N PRO C 322 -31.80 -11.82 3.23
CA PRO C 322 -31.21 -12.03 4.56
C PRO C 322 -31.08 -10.76 5.39
N VAL C 323 -31.22 -10.89 6.71
CA VAL C 323 -31.09 -9.77 7.64
C VAL C 323 -29.65 -9.72 8.11
N LEU C 324 -29.02 -8.57 7.91
CA LEU C 324 -27.61 -8.35 8.27
C LEU C 324 -27.42 -7.65 9.62
N ASP C 325 -28.40 -6.84 10.01
CA ASP C 325 -28.34 -6.09 11.27
C ASP C 325 -29.76 -5.75 11.72
N ILE C 326 -29.93 -5.60 13.02
CA ILE C 326 -31.22 -5.37 13.65
C ILE C 326 -31.03 -4.31 14.73
N CYS C 327 -31.95 -3.34 14.79
CA CYS C 327 -31.78 -2.17 15.66
C CYS C 327 -33.12 -1.62 16.17
N PRO C 328 -33.36 -1.72 17.49
CA PRO C 328 -34.58 -1.12 18.01
C PRO C 328 -34.42 0.39 18.16
N PHE C 329 -35.53 1.11 18.21
CA PHE C 329 -35.49 2.54 18.51
C PHE C 329 -36.83 3.05 19.01
N GLU C 330 -36.79 4.21 19.65
CA GLU C 330 -37.98 4.85 20.19
C GLU C 330 -38.05 6.29 19.69
N VAL C 331 -39.25 6.74 19.34
CA VAL C 331 -39.47 8.11 18.87
C VAL C 331 -40.95 8.44 18.96
N ASN C 332 -41.27 9.68 19.36
CA ASN C 332 -42.66 10.11 19.54
C ASN C 332 -43.44 9.24 20.53
N ARG C 333 -42.72 8.65 21.50
CA ARG C 333 -43.32 7.75 22.50
C ARG C 333 -43.86 6.41 21.96
N ASN C 334 -43.38 5.98 20.79
CA ASN C 334 -43.69 4.65 20.24
C ASN C 334 -42.38 3.88 20.03
N SER C 335 -42.43 2.55 20.21
CA SER C 335 -41.25 1.67 20.01
C SER C 335 -41.25 0.99 18.64
N TYR C 336 -40.12 1.08 17.96
CA TYR C 336 -39.96 0.50 16.62
C TYR C 336 -38.79 -0.47 16.60
N LEU C 337 -38.71 -1.20 15.50
CA LEU C 337 -37.61 -2.09 15.22
C LEU C 337 -37.26 -1.95 13.77
N ALA C 338 -35.96 -1.81 13.49
CA ALA C 338 -35.46 -1.72 12.13
C ALA C 338 -34.65 -2.97 11.80
N THR C 339 -34.91 -3.55 10.62
CA THR C 339 -34.12 -4.70 10.17
C THR C 339 -33.50 -4.35 8.83
N LEU C 340 -32.22 -4.66 8.70
CA LEU C 340 -31.44 -4.24 7.54
C LEU C 340 -31.03 -5.41 6.68
N THR C 341 -31.36 -5.30 5.39
CA THR C 341 -30.91 -6.22 4.37
C THR C 341 -29.80 -5.54 3.57
N GLU C 342 -29.23 -6.26 2.60
CA GLU C 342 -28.22 -5.69 1.67
C GLU C 342 -28.64 -4.36 1.03
N LYS C 343 -29.92 -4.22 0.71
CA LYS C 343 -30.43 -3.05 -0.04
C LYS C 343 -31.49 -2.23 0.69
N MET C 344 -32.21 -2.83 1.63
CA MET C 344 -33.35 -2.16 2.25
C MET C 344 -33.29 -2.19 3.77
N VAL C 345 -34.02 -1.23 4.36
CA VAL C 345 -34.31 -1.22 5.78
C VAL C 345 -35.81 -1.37 5.92
N HIS C 346 -36.24 -2.39 6.68
CA HIS C 346 -37.65 -2.58 7.00
C HIS C 346 -37.91 -2.04 8.40
N ILE C 347 -39.06 -1.40 8.60
CA ILE C 347 -39.43 -0.83 9.89
C ILE C 347 -40.70 -1.49 10.37
N TYR C 348 -40.73 -1.83 11.66
CA TYR C 348 -41.88 -2.43 12.33
C TYR C 348 -42.22 -1.58 13.55
N LYS C 349 -43.45 -1.70 14.02
CA LYS C 349 -43.93 -0.89 15.14
C LYS C 349 -44.60 -1.78 16.17
N TRP C 350 -44.27 -1.54 17.44
CA TRP C 350 -44.85 -2.27 18.57
C TRP C 350 -46.27 -1.75 18.83
N GLU C 351 -47.26 -2.64 18.71
CA GLU C 351 -48.66 -2.27 18.95
C GLU C 351 -49.50 -3.51 19.24
MG MG D . 1.53 6.60 -29.92
MG MG E . 29.88 -4.94 12.06
MG MG F . -27.08 -2.74 17.08
#